data_4W4O
#
_entry.id   4W4O
#
_cell.length_a   134.980
_cell.length_b   126.500
_cell.length_c   71.610
_cell.angle_alpha   90.00
_cell.angle_beta   118.95
_cell.angle_gamma   90.00
#
_symmetry.space_group_name_H-M   'C 1 2 1'
#
loop_
_entity.id
_entity.type
_entity.pdbx_description
1 polymer 'Ig gamma-1 chain C region'
2 polymer 'High affinity immunoglobulin gamma Fc receptor I'
3 branched beta-D-galactopyranose-(1-4)-2-acetamido-2-deoxy-beta-D-glucopyranose-(1-2)-alpha-D-mannopyranose-(1-6)-[2-acetamido-2-deoxy-beta-D-glucopyranose-(1-2)-alpha-D-mannopyranose-(1-3)]beta-D-mannopyranose-(1-4)-2-acetamido-2-deoxy-beta-D-glucopyranose-(1-4)-[alpha-L-fucopyranose-(1-6)]2-acetamido-2-deoxy-beta-D-glucopyranose
4 branched 2-acetamido-2-deoxy-beta-D-glucopyranose-(1-4)-2-acetamido-2-deoxy-beta-D-glucopyranose
5 branched alpha-D-mannopyranose-(1-2)-alpha-D-mannopyranose-(1-2)-alpha-D-mannopyranose-(1-3)-beta-D-mannopyranose-(1-4)-2-acetamido-2-deoxy-beta-D-glucopyranose-(1-4)-2-acetamido-2-deoxy-beta-D-glucopyranose
6 non-polymer 'ZINC ION'
7 non-polymer 'ACETATE ION'
8 non-polymer GLYCEROL
9 water water
#
loop_
_entity_poly.entity_id
_entity_poly.type
_entity_poly.pdbx_seq_one_letter_code
_entity_poly.pdbx_strand_id
1 'polypeptide(L)'
;HTCPPCPAPELLGGPSVFLFPPKPKDTLMISRTPEVTCVVVDVSHEDPEVKFNWYVDGVEVHNAKTKPREEQYNSTYRVV
SVLTVLHQDWLNGKEYKCKVSNKALPAPIEKTISKAKGQPREPQVYTLPPSRDELTKNQVSLTCLVKGFYPSDIAVEWES
NGQPENNYKTTPPVLDSDGSFFLYSKLTVDKSRWQQGNVFSCSVMHEALHNHYTQKSLSLAPGK
;
A,B
2 'polypeptide(L)'
;QVDTPKAVIKLQPPWVSVFQEESVTLHCEVPHLPGSSSTQWFLNGTAIQTSTPTYHITSASEDDSGEYRCQRGLSGRSDP
IQLEVHRGWLLLQVSSRVLTEGEPLALRCHAWKDKLVYNVLYYRNGKAFKFFHWNSNLTILKTNMSHSGTYHCSGMGKHR
YTSAGISVTVKELFPAPVLTASVTSPLLEGTPVTLSCETKLLLQRPGLQLYFSFYMGSKTLRGRDTSSEYQILTARREDS
GLYWCEAATEDGNVLKRSPELELQVLGHQQPTPVHHHHHH
;
C
#
# COMPACT_ATOMS: atom_id res chain seq x y z
N PRO A 9 15.70 1.36 -24.32
CA PRO A 9 15.50 1.16 -22.86
C PRO A 9 14.05 1.56 -22.48
N GLU A 10 13.21 0.56 -22.34
CA GLU A 10 11.77 0.69 -22.30
C GLU A 10 11.39 0.43 -20.83
N LEU A 11 10.45 1.19 -20.26
CA LEU A 11 9.91 0.90 -18.91
C LEU A 11 9.31 -0.49 -18.79
N LEU A 12 9.62 -1.17 -17.67
CA LEU A 12 9.09 -2.46 -17.40
C LEU A 12 7.57 -2.39 -17.24
N GLY A 13 6.84 -3.29 -17.91
CA GLY A 13 5.39 -3.26 -17.73
C GLY A 13 4.60 -3.99 -18.80
N GLY A 14 3.44 -4.47 -18.42
CA GLY A 14 2.53 -5.17 -19.37
C GLY A 14 1.08 -4.85 -19.01
N PRO A 15 0.14 -5.61 -19.56
CA PRO A 15 -1.28 -5.39 -19.35
C PRO A 15 -1.68 -5.51 -17.89
N SER A 16 -2.84 -4.96 -17.58
CA SER A 16 -3.43 -5.07 -16.24
C SER A 16 -4.82 -5.65 -16.39
N VAL A 17 -5.30 -6.30 -15.29
CA VAL A 17 -6.58 -6.99 -15.33
C VAL A 17 -7.48 -6.50 -14.19
N PHE A 18 -8.71 -6.21 -14.52
CA PHE A 18 -9.71 -5.85 -13.52
C PHE A 18 -10.86 -6.81 -13.64
N LEU A 19 -11.36 -7.32 -12.52
CA LEU A 19 -12.39 -8.29 -12.54
C LEU A 19 -13.59 -7.77 -11.73
N PHE A 20 -14.77 -7.72 -12.34
CA PHE A 20 -15.96 -7.05 -11.84
C PHE A 20 -17.10 -8.00 -11.51
N PRO A 21 -17.81 -7.73 -10.41
CA PRO A 21 -18.93 -8.61 -10.06
C PRO A 21 -20.16 -8.30 -10.90
N PRO A 22 -21.22 -9.13 -10.77
CA PRO A 22 -22.47 -8.77 -11.42
C PRO A 22 -23.07 -7.59 -10.73
N LYS A 23 -24.03 -7.02 -11.38
CA LYS A 23 -24.84 -6.03 -10.79
C LYS A 23 -25.80 -6.62 -9.71
N PRO A 24 -25.97 -5.93 -8.61
CA PRO A 24 -26.84 -6.45 -7.57
C PRO A 24 -28.21 -6.87 -8.04
N LYS A 25 -28.87 -6.03 -8.85
CA LYS A 25 -30.20 -6.39 -9.32
C LYS A 25 -30.21 -7.66 -10.17
N ASP A 26 -29.16 -7.85 -10.93
CA ASP A 26 -29.06 -9.07 -11.67
C ASP A 26 -28.85 -10.36 -10.80
N THR A 27 -28.20 -10.22 -9.66
CA THR A 27 -27.99 -11.32 -8.77
C THR A 27 -29.26 -11.71 -7.95
N LEU A 28 -30.13 -10.77 -7.79
CA LEU A 28 -31.16 -10.96 -6.75
C LEU A 28 -32.43 -11.58 -7.33
N MET A 29 -32.67 -11.34 -8.63
CA MET A 29 -33.82 -11.84 -9.39
C MET A 29 -33.46 -13.03 -10.29
N ILE A 30 -33.98 -14.20 -10.00
CA ILE A 30 -33.63 -15.40 -10.73
C ILE A 30 -33.99 -15.21 -12.23
N SER A 31 -34.83 -14.27 -12.59
CA SER A 31 -35.16 -14.11 -14.02
C SER A 31 -34.05 -13.38 -14.81
N ARG A 32 -33.04 -12.78 -14.16
CA ARG A 32 -32.03 -11.96 -14.85
CA ARG A 32 -32.05 -11.97 -14.87
C ARG A 32 -30.78 -12.80 -15.04
N THR A 33 -29.80 -12.31 -15.79
CA THR A 33 -28.63 -13.11 -16.04
C THR A 33 -27.41 -12.40 -15.48
N PRO A 34 -26.99 -12.76 -14.26
CA PRO A 34 -25.81 -12.07 -13.70
C PRO A 34 -24.55 -12.55 -14.44
N GLU A 35 -23.54 -11.66 -14.58
CA GLU A 35 -22.27 -11.97 -15.25
C GLU A 35 -21.11 -11.43 -14.46
N VAL A 36 -19.97 -12.10 -14.45
CA VAL A 36 -18.75 -11.43 -14.02
CA VAL A 36 -18.68 -11.55 -13.96
C VAL A 36 -17.94 -11.06 -15.24
N THR A 37 -17.17 -10.00 -15.13
CA THR A 37 -16.56 -9.40 -16.34
C THR A 37 -15.08 -9.22 -16.03
N CYS A 38 -14.27 -9.86 -16.88
CA CYS A 38 -12.82 -9.78 -16.76
C CYS A 38 -12.26 -8.84 -17.84
N VAL A 39 -11.65 -7.74 -17.42
CA VAL A 39 -11.26 -6.65 -18.31
C VAL A 39 -9.75 -6.58 -18.34
N VAL A 40 -9.19 -6.60 -19.56
CA VAL A 40 -7.75 -6.52 -19.71
C VAL A 40 -7.45 -5.18 -20.42
N VAL A 41 -6.63 -4.36 -19.78
CA VAL A 41 -6.22 -3.10 -20.34
C VAL A 41 -4.73 -3.07 -20.66
N ASP A 42 -4.39 -2.08 -21.41
CA ASP A 42 -2.99 -1.86 -21.84
C ASP A 42 -2.42 -3.04 -22.64
N VAL A 43 -3.21 -3.67 -23.50
CA VAL A 43 -2.75 -4.66 -24.39
C VAL A 43 -2.12 -3.89 -25.58
N SER A 44 -0.92 -4.24 -25.94
CA SER A 44 -0.22 -3.47 -26.98
C SER A 44 -0.41 -4.03 -28.38
N HIS A 45 0.07 -3.26 -29.39
CA HIS A 45 0.09 -3.79 -30.72
C HIS A 45 1.13 -4.91 -30.74
N GLU A 46 2.16 -4.81 -29.91
CA GLU A 46 3.26 -5.76 -30.00
C GLU A 46 2.92 -7.15 -29.55
N ASP A 47 2.09 -7.25 -28.50
CA ASP A 47 1.61 -8.57 -27.98
C ASP A 47 0.07 -8.52 -27.83
N PRO A 48 -0.71 -8.65 -28.95
CA PRO A 48 -2.12 -8.35 -28.91
C PRO A 48 -2.99 -9.52 -28.52
N GLU A 49 -2.48 -10.73 -28.53
CA GLU A 49 -3.31 -11.91 -28.34
C GLU A 49 -3.51 -12.11 -26.82
N VAL A 50 -4.75 -12.27 -26.42
CA VAL A 50 -5.06 -12.47 -24.96
C VAL A 50 -5.86 -13.75 -24.86
N LYS A 51 -5.49 -14.61 -23.93
CA LYS A 51 -6.28 -15.83 -23.71
C LYS A 51 -6.88 -15.79 -22.28
N PHE A 52 -8.18 -16.12 -22.18
CA PHE A 52 -8.88 -16.25 -20.83
C PHE A 52 -9.08 -17.70 -20.52
N ASN A 53 -8.85 -18.08 -19.28
CA ASN A 53 -9.42 -19.26 -18.73
C ASN A 53 -10.20 -18.85 -17.48
N TRP A 54 -11.32 -19.52 -17.27
CA TRP A 54 -12.18 -19.25 -16.19
C TRP A 54 -12.41 -20.51 -15.34
N TYR A 55 -12.56 -20.30 -14.04
CA TYR A 55 -12.70 -21.35 -13.05
C TYR A 55 -13.79 -20.92 -12.00
N VAL A 56 -14.57 -21.90 -11.57
CA VAL A 56 -15.57 -21.70 -10.56
C VAL A 56 -15.26 -22.69 -9.44
N ASP A 57 -14.87 -22.17 -8.31
CA ASP A 57 -14.28 -23.01 -7.20
C ASP A 57 -13.17 -23.91 -7.70
N GLY A 58 -12.32 -23.39 -8.58
CA GLY A 58 -11.21 -24.20 -9.05
C GLY A 58 -11.51 -25.10 -10.22
N VAL A 59 -12.74 -25.21 -10.67
CA VAL A 59 -13.05 -26.07 -11.76
C VAL A 59 -13.21 -25.26 -13.04
N GLU A 60 -12.49 -25.62 -14.09
CA GLU A 60 -12.57 -24.85 -15.34
C GLU A 60 -13.92 -24.97 -15.99
N VAL A 61 -14.43 -23.85 -16.47
CA VAL A 61 -15.65 -23.68 -17.20
C VAL A 61 -15.38 -23.09 -18.56
N HIS A 62 -16.29 -23.30 -19.52
CA HIS A 62 -15.97 -23.07 -20.94
C HIS A 62 -16.98 -22.25 -21.59
N ASN A 63 -17.85 -21.60 -20.83
CA ASN A 63 -18.96 -20.89 -21.44
C ASN A 63 -18.81 -19.33 -21.49
N ALA A 64 -17.62 -18.78 -21.21
CA ALA A 64 -17.37 -17.34 -21.29
C ALA A 64 -17.30 -16.86 -22.75
N LYS A 65 -17.68 -15.62 -22.99
CA LYS A 65 -17.60 -14.98 -24.30
C LYS A 65 -16.67 -13.84 -24.24
N THR A 66 -15.77 -13.76 -25.23
CA THR A 66 -14.93 -12.55 -25.44
C THR A 66 -15.53 -11.56 -26.41
N LYS A 67 -15.56 -10.33 -26.01
CA LYS A 67 -16.12 -9.24 -26.73
C LYS A 67 -15.15 -8.79 -27.76
N PRO A 68 -15.66 -8.23 -28.87
CA PRO A 68 -14.61 -7.75 -29.80
C PRO A 68 -13.77 -6.61 -29.13
N ARG A 69 -12.48 -6.72 -29.24
CA ARG A 69 -11.57 -5.71 -28.65
C ARG A 69 -11.75 -4.28 -29.19
N GLU A 70 -11.27 -3.32 -28.45
CA GLU A 70 -11.54 -1.94 -28.73
C GLU A 70 -10.23 -1.19 -28.50
N GLU A 71 -9.72 -0.47 -29.52
CA GLU A 71 -8.60 0.43 -29.30
C GLU A 71 -8.97 1.67 -28.58
N GLN A 72 -8.26 1.94 -27.50
CA GLN A 72 -8.60 3.00 -26.65
C GLN A 72 -7.89 4.29 -27.13
N TYR A 73 -8.29 5.41 -26.56
CA TYR A 73 -7.73 6.74 -26.94
C TYR A 73 -6.17 6.77 -26.90
N ASN A 74 -5.55 5.92 -26.06
CA ASN A 74 -4.10 5.88 -25.88
C ASN A 74 -3.39 4.78 -26.67
N SER A 75 -4.05 4.30 -27.72
CA SER A 75 -3.49 3.33 -28.67
C SER A 75 -3.09 2.01 -28.01
N THR A 76 -3.83 1.60 -26.96
CA THR A 76 -3.74 0.27 -26.44
C THR A 76 -5.11 -0.30 -26.62
N TYR A 77 -5.19 -1.61 -26.46
CA TYR A 77 -6.46 -2.33 -26.62
C TYR A 77 -7.01 -2.69 -25.24
N ARG A 78 -8.35 -2.75 -25.21
CA ARG A 78 -9.12 -3.21 -24.04
C ARG A 78 -9.82 -4.47 -24.53
N VAL A 79 -9.67 -5.58 -23.80
CA VAL A 79 -10.20 -6.86 -24.23
C VAL A 79 -11.02 -7.38 -23.03
N VAL A 80 -12.23 -7.81 -23.29
CA VAL A 80 -13.21 -8.15 -22.19
C VAL A 80 -13.78 -9.53 -22.38
N SER A 81 -13.78 -10.36 -21.32
CA SER A 81 -14.44 -11.64 -21.37
C SER A 81 -15.52 -11.60 -20.32
N VAL A 82 -16.71 -12.08 -20.66
CA VAL A 82 -17.88 -12.10 -19.78
C VAL A 82 -18.32 -13.53 -19.50
N LEU A 83 -18.46 -13.88 -18.22
CA LEU A 83 -18.88 -15.22 -17.85
C LEU A 83 -20.24 -15.14 -17.11
N THR A 84 -21.26 -15.78 -17.68
CA THR A 84 -22.59 -15.82 -17.01
C THR A 84 -22.39 -16.69 -15.77
N VAL A 85 -22.99 -16.31 -14.66
CA VAL A 85 -22.89 -17.07 -13.43
C VAL A 85 -24.35 -17.48 -13.09
N LEU A 86 -24.44 -18.56 -12.34
CA LEU A 86 -25.77 -19.05 -11.89
C LEU A 86 -26.17 -18.27 -10.66
N HIS A 87 -27.42 -17.85 -10.64
CA HIS A 87 -28.09 -17.15 -9.50
C HIS A 87 -27.64 -17.73 -8.14
N GLN A 88 -27.84 -19.04 -7.97
CA GLN A 88 -27.62 -19.70 -6.65
C GLN A 88 -26.14 -19.73 -6.30
N ASP A 89 -25.30 -19.93 -7.30
CA ASP A 89 -23.88 -20.07 -7.16
C ASP A 89 -23.28 -18.76 -6.64
N TRP A 90 -23.67 -17.66 -7.25
CA TRP A 90 -23.10 -16.36 -6.83
C TRP A 90 -23.56 -16.07 -5.38
N LEU A 91 -24.86 -16.28 -5.10
CA LEU A 91 -25.40 -16.03 -3.80
C LEU A 91 -24.91 -16.97 -2.73
N ASN A 92 -24.49 -18.17 -3.11
CA ASN A 92 -23.91 -19.14 -2.17
C ASN A 92 -22.35 -19.09 -2.16
N GLY A 93 -21.74 -17.99 -2.62
CA GLY A 93 -20.37 -17.71 -2.30
C GLY A 93 -19.39 -18.45 -3.18
N LYS A 94 -19.79 -18.96 -4.30
CA LYS A 94 -18.81 -19.57 -5.18
C LYS A 94 -17.75 -18.53 -5.67
N GLU A 95 -16.54 -19.01 -5.90
CA GLU A 95 -15.41 -18.15 -6.28
C GLU A 95 -15.11 -18.25 -7.77
N TYR A 96 -14.98 -17.10 -8.42
CA TYR A 96 -14.89 -17.04 -9.86
C TYR A 96 -13.50 -16.47 -10.17
N LYS A 97 -12.68 -17.26 -10.87
CA LYS A 97 -11.33 -16.88 -11.22
C LYS A 97 -11.17 -16.69 -12.69
N CYS A 98 -10.56 -15.55 -13.04
CA CYS A 98 -10.21 -15.25 -14.43
C CYS A 98 -8.70 -15.31 -14.47
N LYS A 99 -8.17 -16.15 -15.37
CA LYS A 99 -6.74 -16.21 -15.68
C LYS A 99 -6.46 -15.65 -17.10
N VAL A 100 -5.53 -14.70 -17.16
CA VAL A 100 -5.32 -13.99 -18.36
C VAL A 100 -3.87 -14.28 -18.77
N SER A 101 -3.72 -14.79 -19.98
CA SER A 101 -2.40 -15.10 -20.56
C SER A 101 -2.11 -14.17 -21.71
N ASN A 102 -0.90 -13.66 -21.71
CA ASN A 102 -0.50 -12.72 -22.78
C ASN A 102 1.02 -12.71 -22.77
N LYS A 103 1.63 -12.54 -23.94
CA LYS A 103 3.10 -12.64 -24.05
C LYS A 103 3.85 -11.51 -23.33
N ALA A 104 3.24 -10.36 -23.11
CA ALA A 104 3.85 -9.28 -22.40
C ALA A 104 3.87 -9.49 -20.87
N LEU A 105 3.25 -10.57 -20.43
CA LEU A 105 3.27 -10.90 -19.01
C LEU A 105 4.28 -11.98 -18.75
N PRO A 106 4.96 -11.89 -17.60
CA PRO A 106 5.94 -12.99 -17.29
C PRO A 106 5.32 -14.29 -16.91
N ALA A 107 4.10 -14.22 -16.36
CA ALA A 107 3.28 -15.35 -16.11
C ALA A 107 1.79 -14.88 -16.16
N PRO A 108 0.87 -15.81 -16.33
CA PRO A 108 -0.54 -15.37 -16.38
C PRO A 108 -1.01 -14.66 -15.12
N ILE A 109 -1.92 -13.70 -15.27
CA ILE A 109 -2.48 -12.98 -14.11
C ILE A 109 -3.72 -13.70 -13.74
N GLU A 110 -3.93 -13.96 -12.45
CA GLU A 110 -5.17 -14.59 -11.99
C GLU A 110 -5.82 -13.69 -10.99
N LYS A 111 -7.09 -13.38 -11.20
CA LYS A 111 -7.92 -12.57 -10.27
C LYS A 111 -9.17 -13.41 -9.89
N THR A 112 -9.58 -13.26 -8.66
CA THR A 112 -10.72 -14.10 -8.14
C THR A 112 -11.69 -13.15 -7.49
N ILE A 113 -12.98 -13.42 -7.66
CA ILE A 113 -13.96 -12.59 -7.09
C ILE A 113 -15.06 -13.51 -6.57
N SER A 114 -15.75 -13.05 -5.52
CA SER A 114 -16.96 -13.73 -5.04
C SER A 114 -17.78 -12.65 -4.34
N LYS A 115 -18.97 -13.07 -3.85
CA LYS A 115 -19.81 -12.21 -3.07
C LYS A 115 -19.07 -11.77 -1.84
N ALA A 116 -19.47 -10.65 -1.30
CA ALA A 116 -18.84 -10.19 -0.07
C ALA A 116 -19.14 -11.16 1.09
N LYS A 117 -18.13 -11.35 1.94
CA LYS A 117 -18.20 -12.28 3.06
C LYS A 117 -18.68 -11.58 4.33
N GLY A 118 -19.26 -12.32 5.22
CA GLY A 118 -19.84 -11.73 6.45
C GLY A 118 -21.31 -12.00 6.53
N GLN A 119 -21.84 -12.07 7.74
CA GLN A 119 -23.23 -12.45 7.94
C GLN A 119 -24.18 -11.37 7.37
N PRO A 120 -25.03 -11.81 6.46
CA PRO A 120 -26.04 -10.82 5.87
C PRO A 120 -26.91 -10.24 6.94
N ARG A 121 -27.21 -8.94 6.79
CA ARG A 121 -28.08 -8.23 7.75
C ARG A 121 -29.22 -7.56 6.97
N GLU A 122 -30.45 -7.73 7.46
CA GLU A 122 -31.68 -7.31 6.76
C GLU A 122 -31.79 -5.76 6.72
N PRO A 123 -32.03 -5.20 5.50
CA PRO A 123 -32.35 -3.73 5.42
C PRO A 123 -33.61 -3.40 6.23
N GLN A 124 -33.53 -2.31 6.98
CA GLN A 124 -34.73 -1.68 7.45
CA GLN A 124 -34.69 -1.57 7.55
C GLN A 124 -35.05 -0.46 6.55
N VAL A 125 -36.27 -0.40 6.13
CA VAL A 125 -36.67 0.49 5.02
C VAL A 125 -37.71 1.48 5.58
N TYR A 126 -37.41 2.76 5.54
CA TYR A 126 -38.31 3.81 6.14
C TYR A 126 -38.59 4.86 5.08
N THR A 127 -39.85 5.15 4.84
CA THR A 127 -40.17 6.27 3.93
C THR A 127 -40.46 7.55 4.72
N LEU A 128 -39.98 8.68 4.22
CA LEU A 128 -40.08 9.96 4.87
C LEU A 128 -40.70 10.94 3.91
N PRO A 129 -41.78 11.63 4.35
CA PRO A 129 -42.40 12.62 3.48
C PRO A 129 -41.57 13.88 3.30
N PRO A 130 -42.01 14.77 2.40
CA PRO A 130 -41.32 16.03 2.32
C PRO A 130 -41.35 16.83 3.59
N SER A 131 -40.28 17.58 3.82
CA SER A 131 -40.30 18.57 4.93
C SER A 131 -41.43 19.59 4.64
N ARG A 132 -42.11 20.00 5.68
CA ARG A 132 -43.06 21.15 5.57
C ARG A 132 -42.48 22.37 4.81
N ASP A 133 -41.23 22.70 5.08
CA ASP A 133 -40.52 23.81 4.39
C ASP A 133 -40.39 23.68 2.88
N GLU A 134 -40.44 22.46 2.34
CA GLU A 134 -40.28 22.23 0.94
C GLU A 134 -41.59 22.38 0.15
N LEU A 135 -42.69 22.34 0.89
CA LEU A 135 -44.04 22.48 0.33
C LEU A 135 -44.31 23.80 -0.34
N THR A 136 -43.40 24.73 -0.23
CA THR A 136 -43.46 25.97 -0.94
C THR A 136 -42.92 25.84 -2.36
N LYS A 137 -42.29 24.72 -2.70
CA LYS A 137 -41.72 24.60 -4.03
C LYS A 137 -42.72 23.95 -4.94
N ASN A 138 -42.40 23.97 -6.22
CA ASN A 138 -43.15 23.29 -7.26
C ASN A 138 -42.97 21.77 -7.34
N GLN A 139 -41.79 21.34 -6.88
CA GLN A 139 -41.45 19.91 -6.76
C GLN A 139 -41.01 19.59 -5.32
N VAL A 140 -41.36 18.38 -4.86
CA VAL A 140 -41.09 17.98 -3.49
C VAL A 140 -40.25 16.66 -3.56
N SER A 141 -39.56 16.42 -2.47
CA SER A 141 -38.67 15.26 -2.37
C SER A 141 -39.28 14.23 -1.43
N LEU A 142 -39.34 12.99 -1.91
CA LEU A 142 -39.84 11.86 -1.15
C LEU A 142 -38.57 11.01 -0.85
N THR A 143 -38.38 10.66 0.42
CA THR A 143 -37.11 10.07 0.84
C THR A 143 -37.30 8.63 1.25
N CYS A 144 -36.37 7.74 0.83
CA CYS A 144 -36.37 6.38 1.33
C CYS A 144 -35.05 6.10 2.02
N LEU A 145 -35.14 5.87 3.36
CA LEU A 145 -33.94 5.59 4.14
C LEU A 145 -33.86 4.07 4.23
N VAL A 146 -32.71 3.50 3.87
CA VAL A 146 -32.53 2.05 3.92
C VAL A 146 -31.31 1.85 4.75
N LYS A 147 -31.47 1.23 5.92
CA LYS A 147 -30.33 1.17 6.82
C LYS A 147 -30.17 -0.24 7.47
N GLY A 148 -29.02 -0.45 8.07
CA GLY A 148 -28.78 -1.68 8.78
C GLY A 148 -28.36 -2.88 7.93
N PHE A 149 -27.96 -2.69 6.65
CA PHE A 149 -27.91 -3.83 5.74
C PHE A 149 -26.45 -4.23 5.56
N TYR A 150 -26.28 -5.50 5.24
CA TYR A 150 -24.95 -6.08 4.93
C TYR A 150 -25.24 -7.34 4.09
N PRO A 151 -24.47 -7.56 3.00
CA PRO A 151 -23.41 -6.68 2.48
C PRO A 151 -23.95 -5.39 1.80
N SER A 152 -23.06 -4.58 1.20
CA SER A 152 -23.44 -3.24 0.71
C SER A 152 -24.12 -3.38 -0.64
N ASP A 153 -24.11 -4.58 -1.24
CA ASP A 153 -24.86 -4.86 -2.47
C ASP A 153 -26.39 -4.80 -2.38
N ILE A 154 -27.02 -3.86 -3.13
CA ILE A 154 -28.42 -3.49 -2.96
C ILE A 154 -28.94 -2.84 -4.22
N ALA A 155 -30.23 -2.94 -4.48
CA ALA A 155 -30.85 -2.14 -5.55
C ALA A 155 -32.12 -1.49 -4.97
N VAL A 156 -32.37 -0.24 -5.36
CA VAL A 156 -33.52 0.52 -4.90
C VAL A 156 -34.21 1.20 -6.08
N GLU A 157 -35.52 1.09 -6.13
CA GLU A 157 -36.31 1.75 -7.16
C GLU A 157 -37.52 2.35 -6.55
N TRP A 158 -38.21 3.19 -7.31
CA TRP A 158 -39.49 3.68 -6.92
C TRP A 158 -40.57 3.40 -7.95
N GLU A 159 -41.78 3.34 -7.47
CA GLU A 159 -42.90 3.14 -8.35
C GLU A 159 -44.10 3.88 -7.83
N SER A 160 -45.08 4.09 -8.70
CA SER A 160 -46.40 4.57 -8.28
C SER A 160 -47.42 3.94 -9.22
N ASN A 161 -48.51 3.48 -8.65
CA ASN A 161 -49.63 2.89 -9.44
C ASN A 161 -49.14 1.85 -10.44
N GLY A 162 -48.15 1.07 -10.01
CA GLY A 162 -47.64 -0.03 -10.78
C GLY A 162 -46.72 0.33 -11.93
N GLN A 163 -46.31 1.59 -12.01
CA GLN A 163 -45.41 2.04 -13.05
C GLN A 163 -44.15 2.47 -12.35
N PRO A 164 -43.01 2.29 -13.00
CA PRO A 164 -41.78 2.83 -12.45
C PRO A 164 -41.79 4.33 -12.47
N GLU A 165 -41.17 4.92 -11.47
CA GLU A 165 -41.07 6.35 -11.32
C GLU A 165 -39.62 6.43 -11.46
N ASN A 166 -39.14 7.23 -12.40
CA ASN A 166 -37.76 7.25 -12.71
C ASN A 166 -36.96 8.51 -12.33
N ASN A 167 -37.67 9.59 -11.94
CA ASN A 167 -37.04 10.79 -11.49
C ASN A 167 -36.46 10.74 -10.01
N TYR A 168 -35.58 9.77 -9.78
CA TYR A 168 -34.97 9.58 -8.46
C TYR A 168 -33.48 9.44 -8.61
N LYS A 169 -32.81 9.66 -7.50
CA LYS A 169 -31.41 9.38 -7.42
C LYS A 169 -31.17 8.76 -6.01
N THR A 170 -30.19 7.89 -5.93
CA THR A 170 -29.88 7.14 -4.72
C THR A 170 -28.42 7.32 -4.42
N THR A 171 -28.10 7.53 -3.13
CA THR A 171 -26.80 7.68 -2.68
C THR A 171 -26.08 6.30 -2.73
N PRO A 172 -24.76 6.35 -2.78
CA PRO A 172 -24.00 5.10 -2.57
C PRO A 172 -24.28 4.60 -1.14
N PRO A 173 -24.08 3.30 -0.90
CA PRO A 173 -24.03 2.78 0.47
C PRO A 173 -22.95 3.47 1.25
N VAL A 174 -23.22 3.73 2.52
CA VAL A 174 -22.26 4.39 3.40
C VAL A 174 -22.10 3.52 4.61
N LEU A 175 -20.85 3.28 5.00
CA LEU A 175 -20.60 2.45 6.16
C LEU A 175 -20.99 3.12 7.48
N ASP A 176 -21.84 2.43 8.25
CA ASP A 176 -22.38 3.01 9.47
C ASP A 176 -21.48 2.54 10.62
N SER A 177 -21.71 3.07 11.80
CA SER A 177 -20.80 2.86 12.94
C SER A 177 -20.87 1.45 13.52
N ASP A 178 -21.90 0.67 13.21
CA ASP A 178 -21.98 -0.73 13.66
C ASP A 178 -21.57 -1.76 12.63
N GLY A 179 -20.90 -1.34 11.55
CA GLY A 179 -20.50 -2.26 10.52
C GLY A 179 -21.47 -2.54 9.42
N SER A 180 -22.73 -2.09 9.56
CA SER A 180 -23.70 -2.25 8.52
C SER A 180 -23.63 -1.01 7.57
N PHE A 181 -24.44 -1.05 6.53
CA PHE A 181 -24.54 0.03 5.55
C PHE A 181 -25.90 0.71 5.59
N PHE A 182 -25.93 1.99 5.20
CA PHE A 182 -27.19 2.69 4.89
C PHE A 182 -27.06 3.46 3.59
N LEU A 183 -28.20 3.81 3.04
CA LEU A 183 -28.23 4.79 2.00
C LEU A 183 -29.58 5.52 2.08
N TYR A 184 -29.74 6.55 1.24
CA TYR A 184 -31.02 7.21 1.04
C TYR A 184 -31.30 7.29 -0.43
N SER A 185 -32.58 7.15 -0.79
CA SER A 185 -32.99 7.38 -2.14
C SER A 185 -34.00 8.55 -2.14
N LYS A 186 -33.82 9.45 -3.10
CA LYS A 186 -34.62 10.69 -3.21
C LYS A 186 -35.42 10.62 -4.51
N LEU A 187 -36.73 10.62 -4.38
CA LEU A 187 -37.66 10.69 -5.55
C LEU A 187 -38.24 12.13 -5.59
N THR A 188 -38.07 12.77 -6.74
CA THR A 188 -38.58 14.15 -6.91
C THR A 188 -39.90 14.04 -7.69
N VAL A 189 -40.98 14.62 -7.14
CA VAL A 189 -42.25 14.64 -7.84
C VAL A 189 -42.87 16.02 -7.80
N ASP A 190 -43.74 16.26 -8.78
CA ASP A 190 -44.51 17.51 -8.77
C ASP A 190 -45.31 17.55 -7.51
N LYS A 191 -45.27 18.71 -6.85
CA LYS A 191 -46.05 18.95 -5.66
C LYS A 191 -47.51 18.49 -5.78
N SER A 192 -48.15 18.74 -6.92
CA SER A 192 -49.61 18.44 -7.02
C SER A 192 -49.87 16.94 -6.98
N ARG A 193 -48.86 16.14 -7.39
CA ARG A 193 -49.03 14.68 -7.34
C ARG A 193 -49.00 14.18 -5.89
N TRP A 194 -48.19 14.82 -5.07
CA TRP A 194 -48.20 14.58 -3.64
C TRP A 194 -49.49 15.01 -2.99
N GLN A 195 -49.83 16.29 -3.28
CA GLN A 195 -51.02 16.91 -2.67
C GLN A 195 -52.30 16.19 -3.04
N GLN A 196 -52.33 15.58 -4.20
CA GLN A 196 -53.49 14.76 -4.58
C GLN A 196 -53.63 13.35 -4.01
N GLY A 197 -52.65 12.92 -3.20
CA GLY A 197 -52.78 11.71 -2.46
C GLY A 197 -52.27 10.48 -3.19
N ASN A 198 -51.55 10.65 -4.27
CA ASN A 198 -50.92 9.56 -4.95
C ASN A 198 -49.96 8.81 -4.03
N VAL A 199 -49.96 7.49 -4.14
CA VAL A 199 -49.17 6.62 -3.31
C VAL A 199 -47.88 6.22 -4.06
N PHE A 200 -46.74 6.41 -3.38
CA PHE A 200 -45.47 6.13 -3.97
C PHE A 200 -44.90 4.97 -3.18
N SER A 201 -44.06 4.20 -3.84
CA SER A 201 -43.45 3.05 -3.18
C SER A 201 -41.98 3.01 -3.44
N CYS A 202 -41.21 2.75 -2.39
CA CYS A 202 -39.78 2.54 -2.46
C CYS A 202 -39.60 1.03 -2.44
N SER A 203 -38.98 0.44 -3.45
CA SER A 203 -38.68 -0.98 -3.34
C SER A 203 -37.20 -1.32 -3.34
N VAL A 204 -36.89 -2.28 -2.50
CA VAL A 204 -35.56 -2.63 -2.16
C VAL A 204 -35.37 -4.13 -2.45
N MET A 205 -34.27 -4.38 -3.13
CA MET A 205 -33.72 -5.74 -3.33
C MET A 205 -32.43 -5.91 -2.70
N HIS A 206 -32.40 -6.95 -1.85
CA HIS A 206 -31.24 -7.29 -1.04
C HIS A 206 -31.33 -8.79 -0.60
N GLU A 207 -30.16 -9.38 -0.42
CA GLU A 207 -30.16 -10.85 -0.21
C GLU A 207 -30.67 -11.25 1.18
N ALA A 208 -30.71 -10.33 2.13
CA ALA A 208 -31.19 -10.58 3.46
C ALA A 208 -32.64 -10.31 3.70
N LEU A 209 -33.32 -9.87 2.64
CA LEU A 209 -34.76 -9.78 2.63
C LEU A 209 -35.38 -11.07 2.27
N HIS A 210 -36.54 -11.30 2.84
CA HIS A 210 -37.36 -12.38 2.42
C HIS A 210 -37.74 -12.20 0.92
N ASN A 211 -37.56 -13.26 0.13
CA ASN A 211 -37.75 -13.30 -1.33
C ASN A 211 -36.89 -12.23 -1.99
N HIS A 212 -35.86 -11.79 -1.30
CA HIS A 212 -34.95 -10.76 -1.81
C HIS A 212 -35.57 -9.42 -2.11
N TYR A 213 -36.74 -9.15 -1.56
CA TYR A 213 -37.51 -8.00 -1.94
C TYR A 213 -38.34 -7.47 -0.82
N THR A 214 -38.46 -6.13 -0.79
CA THR A 214 -39.54 -5.57 0.05
C THR A 214 -39.93 -4.23 -0.56
N GLN A 215 -41.04 -3.70 -0.09
CA GLN A 215 -41.48 -2.38 -0.52
C GLN A 215 -42.24 -1.67 0.57
N LYS A 216 -41.99 -0.35 0.64
CA LYS A 216 -42.69 0.50 1.60
C LYS A 216 -43.35 1.65 0.87
N SER A 217 -44.53 2.01 1.31
CA SER A 217 -45.29 3.07 0.64
C SER A 217 -45.22 4.37 1.41
N LEU A 218 -45.57 5.46 0.73
CA LEU A 218 -45.46 6.81 1.27
C LEU A 218 -46.64 7.53 0.53
N SER A 219 -47.50 8.19 1.29
CA SER A 219 -48.52 9.10 0.69
C SER A 219 -48.95 10.12 1.75
N LEU A 220 -49.44 11.25 1.25
CA LEU A 220 -50.11 12.25 2.07
C LEU A 220 -51.42 11.72 2.67
N ALA A 221 -51.64 11.83 3.98
CA ALA A 221 -52.78 11.22 4.65
C ALA A 221 -54.08 11.83 4.06
N PRO A 222 -55.10 11.03 3.93
CA PRO A 222 -56.41 11.55 3.54
C PRO A 222 -57.09 12.37 4.60
N GLY A 223 -57.99 13.23 4.13
CA GLY A 223 -58.98 13.83 5.04
C GLY A 223 -58.54 15.07 5.78
N LEU B 12 13.14 8.09 -15.64
CA LEU B 12 12.24 9.24 -15.28
C LEU B 12 12.28 9.58 -13.78
N GLY B 13 13.36 9.23 -13.06
CA GLY B 13 13.31 8.81 -11.63
C GLY B 13 13.57 9.98 -10.69
N GLY B 14 12.51 10.59 -10.20
CA GLY B 14 12.63 11.67 -9.24
C GLY B 14 11.54 11.68 -8.23
N PRO B 15 11.49 12.75 -7.46
CA PRO B 15 10.32 12.98 -6.57
C PRO B 15 9.04 13.32 -7.28
N SER B 16 7.92 13.12 -6.60
CA SER B 16 6.57 13.39 -7.16
C SER B 16 5.93 14.44 -6.28
N VAL B 17 5.06 15.24 -6.87
CA VAL B 17 4.38 16.39 -6.22
C VAL B 17 2.87 16.24 -6.24
N PHE B 18 2.26 16.47 -5.07
CA PHE B 18 0.80 16.52 -4.88
C PHE B 18 0.43 17.85 -4.24
N LEU B 19 -0.62 18.51 -4.77
CA LEU B 19 -1.06 19.76 -4.24
C LEU B 19 -2.50 19.63 -3.84
N PHE B 20 -2.77 19.90 -2.59
CA PHE B 20 -4.07 19.68 -1.98
C PHE B 20 -4.76 20.99 -1.62
N PRO B 21 -6.09 21.02 -1.74
CA PRO B 21 -6.84 22.24 -1.40
C PRO B 21 -7.02 22.36 0.13
N PRO B 22 -7.54 23.51 0.60
CA PRO B 22 -7.97 23.62 1.96
C PRO B 22 -9.14 22.78 2.27
N LYS B 23 -9.40 22.51 3.53
CA LYS B 23 -10.70 21.88 3.87
C LYS B 23 -11.85 22.83 3.68
N PRO B 24 -12.98 22.37 3.13
CA PRO B 24 -14.09 23.22 2.98
C PRO B 24 -14.44 23.99 4.23
N LYS B 25 -14.54 23.34 5.39
CA LYS B 25 -14.89 24.08 6.58
C LYS B 25 -13.94 25.25 6.89
N ASP B 26 -12.65 25.10 6.61
CA ASP B 26 -11.74 26.15 6.90
C ASP B 26 -11.97 27.38 5.94
N THR B 27 -12.39 27.09 4.70
CA THR B 27 -12.66 28.16 3.67
C THR B 27 -13.95 28.93 3.98
N LEU B 28 -14.83 28.32 4.76
CA LEU B 28 -16.19 28.85 4.96
C LEU B 28 -16.43 29.46 6.37
N MET B 29 -15.41 29.47 7.22
CA MET B 29 -15.49 30.07 8.51
C MET B 29 -14.37 31.03 8.65
N ILE B 30 -14.73 32.29 8.80
CA ILE B 30 -13.75 33.33 8.74
C ILE B 30 -12.77 33.37 9.89
N SER B 31 -13.10 32.74 11.02
CA SER B 31 -12.19 32.54 12.10
C SER B 31 -11.09 31.50 11.84
N ARG B 32 -11.16 30.73 10.77
CA ARG B 32 -10.22 29.64 10.51
C ARG B 32 -9.16 30.11 9.56
N THR B 33 -8.15 29.28 9.35
CA THR B 33 -6.98 29.61 8.56
C THR B 33 -6.84 28.53 7.47
N PRO B 34 -7.51 28.70 6.33
CA PRO B 34 -7.39 27.72 5.28
C PRO B 34 -6.01 27.79 4.62
N GLU B 35 -5.58 26.63 4.18
CA GLU B 35 -4.20 26.40 3.64
C GLU B 35 -4.24 25.54 2.42
N VAL B 36 -3.40 25.82 1.42
CA VAL B 36 -3.08 24.89 0.40
CA VAL B 36 -3.08 24.85 0.40
C VAL B 36 -1.75 24.18 0.80
N THR B 37 -1.63 22.90 0.46
CA THR B 37 -0.49 22.06 0.91
C THR B 37 0.13 21.45 -0.30
N CYS B 38 1.41 21.74 -0.53
CA CYS B 38 2.18 21.14 -1.56
C CYS B 38 3.09 20.05 -0.97
N VAL B 39 2.91 18.80 -1.40
CA VAL B 39 3.61 17.67 -0.77
C VAL B 39 4.50 17.02 -1.78
N VAL B 40 5.74 16.80 -1.37
CA VAL B 40 6.77 16.20 -2.26
C VAL B 40 7.20 14.86 -1.60
N VAL B 41 7.05 13.76 -2.37
CA VAL B 41 7.37 12.45 -1.94
C VAL B 41 8.47 11.90 -2.81
N ASP B 42 8.99 10.76 -2.37
CA ASP B 42 10.10 10.09 -3.08
C ASP B 42 11.31 10.97 -3.20
N VAL B 43 11.56 11.68 -2.09
CA VAL B 43 12.82 12.38 -1.92
C VAL B 43 13.84 11.39 -1.31
N SER B 44 15.02 11.40 -1.88
CA SER B 44 16.10 10.51 -1.43
C SER B 44 16.88 11.21 -0.28
N HIS B 45 17.47 10.42 0.60
CA HIS B 45 18.37 10.96 1.66
C HIS B 45 19.46 11.79 1.00
N GLU B 46 19.87 11.41 -0.19
CA GLU B 46 21.00 12.09 -0.83
C GLU B 46 20.58 13.26 -1.66
N ASP B 47 19.28 13.53 -1.79
CA ASP B 47 18.89 14.72 -2.54
C ASP B 47 19.12 15.97 -1.64
N PRO B 48 19.55 17.05 -2.26
CA PRO B 48 19.72 18.31 -1.57
C PRO B 48 18.39 19.00 -1.42
N GLU B 49 18.40 20.25 -0.97
CA GLU B 49 17.19 20.89 -0.45
C GLU B 49 16.12 20.91 -1.51
N VAL B 50 14.91 20.54 -1.11
CA VAL B 50 13.74 20.71 -1.97
C VAL B 50 13.19 22.13 -1.79
N LYS B 51 13.18 22.86 -2.89
CA LYS B 51 12.82 24.25 -2.95
C LYS B 51 11.46 24.48 -3.54
N PHE B 52 10.76 25.42 -2.92
CA PHE B 52 9.42 25.82 -3.33
C PHE B 52 9.35 27.28 -3.72
N ASN B 53 8.72 27.55 -4.87
CA ASN B 53 8.21 28.88 -5.18
C ASN B 53 6.68 28.79 -5.31
N TRP B 54 6.02 29.77 -4.76
CA TRP B 54 4.57 29.82 -4.74
C TRP B 54 4.07 31.11 -5.46
N TYR B 55 2.95 30.99 -6.18
CA TYR B 55 2.40 32.09 -6.96
C TYR B 55 0.92 32.11 -6.65
N VAL B 56 0.35 33.31 -6.50
CA VAL B 56 -1.10 33.47 -6.49
C VAL B 56 -1.50 34.29 -7.72
N ASP B 57 -2.33 33.71 -8.58
CA ASP B 57 -2.58 34.26 -9.96
C ASP B 57 -1.29 34.76 -10.61
N GLY B 58 -0.25 33.95 -10.53
CA GLY B 58 0.91 34.15 -11.33
C GLY B 58 1.84 35.13 -10.68
N VAL B 59 1.47 35.69 -9.54
CA VAL B 59 2.33 36.61 -8.81
C VAL B 59 3.01 35.87 -7.64
N GLU B 60 4.33 35.96 -7.53
CA GLU B 60 5.04 35.22 -6.50
C GLU B 60 4.77 35.77 -5.11
N VAL B 61 4.68 34.87 -4.14
CA VAL B 61 4.48 35.26 -2.73
C VAL B 61 5.51 34.53 -1.91
N HIS B 62 5.80 35.07 -0.72
CA HIS B 62 6.96 34.66 0.03
C HIS B 62 6.66 34.22 1.43
N ASN B 63 5.40 34.03 1.73
CA ASN B 63 4.97 33.74 3.08
C ASN B 63 4.52 32.26 3.30
N ALA B 64 4.87 31.37 2.38
CA ALA B 64 4.71 29.92 2.60
C ALA B 64 5.60 29.40 3.74
N LYS B 65 5.13 28.38 4.47
CA LYS B 65 5.92 27.72 5.48
C LYS B 65 6.35 26.29 4.98
N THR B 66 7.65 26.07 4.74
CA THR B 66 8.18 24.78 4.22
C THR B 66 8.87 24.04 5.38
N LYS B 67 8.46 22.81 5.62
CA LYS B 67 8.98 22.06 6.76
C LYS B 67 10.23 21.33 6.38
N PRO B 68 11.03 20.94 7.38
CA PRO B 68 12.12 20.02 7.12
C PRO B 68 11.59 18.68 6.57
N ARG B 69 12.42 17.99 5.81
CA ARG B 69 12.12 16.62 5.30
C ARG B 69 11.92 15.69 6.45
N GLU B 70 11.04 14.70 6.25
CA GLU B 70 10.66 13.77 7.25
C GLU B 70 10.88 12.38 6.65
N GLU B 71 11.68 11.56 7.33
CA GLU B 71 11.88 10.20 6.86
C GLU B 71 10.61 9.38 6.97
N GLN B 72 10.29 8.66 5.91
CA GLN B 72 9.12 7.80 5.90
C GLN B 72 9.49 6.33 6.17
N TYR B 73 8.48 5.51 6.42
CA TYR B 73 8.71 4.12 6.81
C TYR B 73 9.38 3.33 5.64
N ASN B 74 9.23 3.81 4.41
CA ASN B 74 9.86 3.15 3.25
C ASN B 74 11.23 3.70 2.91
N SER B 75 11.80 4.46 3.84
CA SER B 75 13.13 5.04 3.72
C SER B 75 13.30 6.23 2.79
N THR B 76 12.25 6.62 2.10
CA THR B 76 12.29 7.86 1.34
C THR B 76 11.98 9.03 2.34
N TYR B 77 12.02 10.22 1.82
CA TYR B 77 11.69 11.41 2.59
C TYR B 77 10.51 12.14 1.96
N ARG B 78 9.81 12.85 2.81
CA ARG B 78 8.62 13.63 2.45
C ARG B 78 8.85 15.05 2.90
N VAL B 79 8.59 15.98 1.99
CA VAL B 79 8.62 17.39 2.34
C VAL B 79 7.30 18.07 2.03
N VAL B 80 6.84 18.88 2.97
CA VAL B 80 5.57 19.63 2.85
C VAL B 80 5.79 21.16 2.91
N SER B 81 5.21 21.89 1.94
CA SER B 81 5.10 23.37 2.06
C SER B 81 3.63 23.76 2.08
N VAL B 82 3.28 24.66 2.99
CA VAL B 82 1.94 25.12 3.23
C VAL B 82 1.83 26.60 2.96
N LEU B 83 0.85 27.02 2.18
CA LEU B 83 0.61 28.44 1.98
C LEU B 83 -0.77 28.80 2.48
N THR B 84 -0.87 29.74 3.42
CA THR B 84 -2.14 30.25 3.88
C THR B 84 -2.89 30.90 2.74
N VAL B 85 -4.20 30.70 2.62
CA VAL B 85 -4.92 31.41 1.55
C VAL B 85 -5.92 32.34 2.23
N LEU B 86 -6.11 33.52 1.67
CA LEU B 86 -7.07 34.45 2.26
C LEU B 86 -8.49 34.03 1.89
N HIS B 87 -9.38 34.13 2.86
CA HIS B 87 -10.78 33.72 2.71
C HIS B 87 -11.37 34.24 1.38
N GLN B 88 -11.27 35.55 1.16
CA GLN B 88 -11.91 36.10 -0.05
C GLN B 88 -11.19 35.73 -1.33
N ASP B 89 -9.85 35.60 -1.32
CA ASP B 89 -9.09 35.11 -2.49
C ASP B 89 -9.56 33.74 -2.93
N TRP B 90 -9.71 32.80 -1.98
CA TRP B 90 -10.05 31.46 -2.33
C TRP B 90 -11.47 31.49 -2.97
N LEU B 91 -12.36 32.15 -2.30
CA LEU B 91 -13.76 32.18 -2.73
C LEU B 91 -13.92 32.97 -4.07
N ASN B 92 -13.03 33.92 -4.32
CA ASN B 92 -13.06 34.66 -5.61
C ASN B 92 -12.36 33.92 -6.72
N GLY B 93 -11.76 32.76 -6.42
CA GLY B 93 -11.26 31.89 -7.46
C GLY B 93 -9.84 32.13 -7.85
N LYS B 94 -9.03 32.71 -6.96
CA LYS B 94 -7.63 32.97 -7.29
C LYS B 94 -6.98 31.57 -7.48
N GLU B 95 -5.95 31.48 -8.32
CA GLU B 95 -5.23 30.21 -8.54
C GLU B 95 -3.93 30.18 -7.79
N TYR B 96 -3.62 29.01 -7.24
CA TYR B 96 -2.46 28.86 -6.37
C TYR B 96 -1.51 27.83 -7.05
N LYS B 97 -0.30 28.27 -7.33
CA LYS B 97 0.72 27.42 -7.95
C LYS B 97 1.87 27.16 -7.02
N CYS B 98 2.19 25.87 -6.91
CA CYS B 98 3.41 25.41 -6.27
C CYS B 98 4.40 25.01 -7.35
N LYS B 99 5.63 25.52 -7.27
CA LYS B 99 6.72 25.10 -8.14
C LYS B 99 7.84 24.47 -7.27
N VAL B 100 8.10 23.21 -7.56
CA VAL B 100 9.10 22.47 -6.88
C VAL B 100 10.37 22.28 -7.71
N SER B 101 11.48 22.69 -7.11
CA SER B 101 12.81 22.54 -7.77
C SER B 101 13.75 21.72 -6.94
N ASN B 102 14.64 20.98 -7.60
CA ASN B 102 15.60 20.10 -6.95
C ASN B 102 16.52 19.47 -8.01
N LYS B 103 17.74 19.12 -7.60
CA LYS B 103 18.69 18.46 -8.48
C LYS B 103 18.12 17.19 -9.11
N ALA B 104 17.37 16.41 -8.32
CA ALA B 104 16.75 15.19 -8.86
C ALA B 104 15.60 15.38 -9.90
N LEU B 105 15.15 16.61 -10.09
CA LEU B 105 14.17 16.96 -11.09
C LEU B 105 14.91 17.74 -12.22
N PRO B 106 14.99 17.15 -13.42
CA PRO B 106 15.62 17.86 -14.55
C PRO B 106 14.93 19.15 -14.91
N ALA B 107 13.60 19.18 -14.80
CA ALA B 107 12.85 20.42 -14.81
C ALA B 107 11.95 20.50 -13.57
N PRO B 108 11.70 21.71 -13.09
CA PRO B 108 10.84 21.92 -11.92
C PRO B 108 9.46 21.43 -12.22
N ILE B 109 8.75 21.01 -11.18
CA ILE B 109 7.41 20.51 -11.36
C ILE B 109 6.53 21.61 -10.81
N GLU B 110 5.49 21.94 -11.57
CA GLU B 110 4.50 22.95 -11.20
C GLU B 110 3.14 22.30 -11.12
N LYS B 111 2.43 22.63 -10.05
CA LYS B 111 1.02 22.19 -9.89
C LYS B 111 0.22 23.46 -9.58
N THR B 112 -1.03 23.52 -10.01
CA THR B 112 -1.90 24.65 -9.76
C THR B 112 -3.22 24.19 -9.15
N ILE B 113 -3.78 24.96 -8.23
CA ILE B 113 -5.07 24.58 -7.67
C ILE B 113 -5.92 25.85 -7.47
N SER B 114 -7.23 25.67 -7.58
CA SER B 114 -8.19 26.76 -7.27
C SER B 114 -9.52 26.14 -6.82
N LYS B 115 -10.38 26.97 -6.26
CA LYS B 115 -11.76 26.52 -6.02
C LYS B 115 -12.40 25.99 -7.29
N ALA B 116 -13.27 25.00 -7.12
CA ALA B 116 -14.13 24.54 -8.21
C ALA B 116 -14.89 25.65 -8.87
N LYS B 117 -14.89 25.64 -10.20
CA LYS B 117 -15.35 26.75 -10.97
C LYS B 117 -16.82 26.52 -11.26
N GLY B 118 -17.53 27.55 -11.69
CA GLY B 118 -18.91 27.41 -12.10
C GLY B 118 -19.79 28.14 -11.13
N GLN B 119 -21.05 28.41 -11.50
CA GLN B 119 -21.82 29.41 -10.78
C GLN B 119 -22.34 28.79 -9.47
N PRO B 120 -22.05 29.39 -8.32
CA PRO B 120 -22.42 28.71 -7.06
C PRO B 120 -23.90 28.72 -6.92
N ARG B 121 -24.43 27.69 -6.28
CA ARG B 121 -25.87 27.65 -5.94
C ARG B 121 -26.02 27.20 -4.51
N GLU B 122 -26.89 27.82 -3.73
CA GLU B 122 -26.86 27.55 -2.29
C GLU B 122 -27.75 26.31 -2.08
N PRO B 123 -27.43 25.48 -1.08
CA PRO B 123 -28.27 24.36 -0.69
C PRO B 123 -29.60 24.82 -0.05
N GLN B 124 -30.65 24.10 -0.33
CA GLN B 124 -31.76 24.05 0.52
C GLN B 124 -31.57 22.95 1.55
N VAL B 125 -31.91 23.23 2.78
CA VAL B 125 -31.66 22.34 3.89
C VAL B 125 -32.98 22.00 4.60
N TYR B 126 -33.31 20.74 4.69
CA TYR B 126 -34.57 20.30 5.32
C TYR B 126 -34.31 19.23 6.33
N THR B 127 -34.89 19.32 7.52
CA THR B 127 -34.78 18.26 8.46
C THR B 127 -36.07 17.41 8.43
N LEU B 128 -35.90 16.10 8.58
CA LEU B 128 -36.94 15.09 8.55
C LEU B 128 -36.89 14.23 9.81
N PRO B 129 -38.03 14.11 10.49
CA PRO B 129 -38.06 13.28 11.63
C PRO B 129 -38.01 11.78 11.34
N PRO B 130 -37.78 10.96 12.37
CA PRO B 130 -37.85 9.51 12.16
C PRO B 130 -39.20 9.09 11.62
N SER B 131 -39.20 8.07 10.74
CA SER B 131 -40.41 7.40 10.34
C SER B 131 -41.13 6.82 11.59
N ARG B 132 -42.45 6.88 11.59
CA ARG B 132 -43.24 6.19 12.61
C ARG B 132 -42.86 4.71 12.78
N ASP B 133 -42.57 4.00 11.69
CA ASP B 133 -42.12 2.61 11.86
C ASP B 133 -40.82 2.43 12.63
N GLU B 134 -39.95 3.44 12.66
CA GLU B 134 -38.67 3.27 13.32
C GLU B 134 -38.81 3.38 14.88
N LEU B 135 -39.94 3.90 15.32
CA LEU B 135 -40.22 4.10 16.77
C LEU B 135 -40.30 2.81 17.58
N THR B 136 -40.32 1.67 16.91
CA THR B 136 -40.28 0.39 17.56
C THR B 136 -38.84 0.10 18.01
N LYS B 137 -37.84 0.87 17.51
CA LYS B 137 -36.44 0.58 17.84
C LYS B 137 -36.01 1.39 19.05
N ASN B 138 -34.87 1.02 19.64
CA ASN B 138 -34.22 1.70 20.75
C ASN B 138 -33.47 2.97 20.32
N GLN B 139 -33.06 3.01 19.05
CA GLN B 139 -32.44 4.22 18.44
C GLN B 139 -33.18 4.61 17.14
N VAL B 140 -33.25 5.91 16.90
CA VAL B 140 -34.00 6.43 15.77
C VAL B 140 -33.10 7.32 14.97
N SER B 141 -33.53 7.62 13.74
CA SER B 141 -32.67 8.29 12.81
C SER B 141 -33.29 9.67 12.51
N LEU B 142 -32.48 10.72 12.66
CA LEU B 142 -32.87 12.03 12.35
C LEU B 142 -32.14 12.40 11.06
N THR B 143 -32.85 12.92 10.11
CA THR B 143 -32.28 13.14 8.78
C THR B 143 -32.20 14.58 8.41
N CYS B 144 -31.10 14.91 7.73
CA CYS B 144 -30.94 16.19 7.13
C CYS B 144 -30.73 16.09 5.67
N LEU B 145 -31.67 16.59 4.86
CA LEU B 145 -31.56 16.60 3.40
C LEU B 145 -30.95 17.92 2.98
N VAL B 146 -29.88 17.91 2.21
CA VAL B 146 -29.21 19.12 1.74
C VAL B 146 -29.14 19.02 0.23
N LYS B 147 -29.86 19.87 -0.49
CA LYS B 147 -30.06 19.67 -1.90
C LYS B 147 -29.89 20.97 -2.67
N GLY B 148 -29.59 20.78 -3.94
CA GLY B 148 -29.52 21.87 -4.86
C GLY B 148 -28.23 22.67 -4.87
N PHE B 149 -27.13 22.15 -4.31
CA PHE B 149 -25.94 22.96 -4.11
C PHE B 149 -24.89 22.77 -5.21
N TYR B 150 -24.08 23.81 -5.40
CA TYR B 150 -23.02 23.81 -6.40
C TYR B 150 -22.05 24.89 -5.98
N PRO B 151 -20.73 24.58 -5.93
CA PRO B 151 -20.10 23.27 -6.20
C PRO B 151 -20.28 22.27 -5.04
N SER B 152 -19.57 21.13 -5.08
CA SER B 152 -19.94 19.99 -4.22
C SER B 152 -19.33 20.13 -2.84
N ASP B 153 -18.41 21.11 -2.65
CA ASP B 153 -17.65 21.38 -1.39
C ASP B 153 -18.65 21.80 -0.32
N ILE B 154 -18.71 21.12 0.79
CA ILE B 154 -19.71 21.40 1.76
C ILE B 154 -19.31 20.75 3.05
N ALA B 155 -19.86 21.24 4.17
CA ALA B 155 -19.64 20.61 5.44
C ALA B 155 -20.94 20.55 6.23
N VAL B 156 -21.15 19.44 6.93
CA VAL B 156 -22.39 19.20 7.64
C VAL B 156 -22.09 18.64 9.00
N GLU B 157 -22.76 19.15 10.05
CA GLU B 157 -22.57 18.70 11.42
C GLU B 157 -23.89 18.76 12.09
N TRP B 158 -23.96 18.13 13.27
CA TRP B 158 -25.15 18.13 14.12
C TRP B 158 -24.82 18.57 15.53
N GLU B 159 -25.79 19.24 16.15
CA GLU B 159 -25.68 19.60 17.59
C GLU B 159 -26.95 19.43 18.28
N SER B 160 -26.86 19.49 19.61
CA SER B 160 -28.02 19.61 20.45
C SER B 160 -27.58 20.34 21.74
N ASN B 161 -28.38 21.31 22.20
CA ASN B 161 -28.14 22.04 23.50
C ASN B 161 -26.72 22.43 23.67
N GLY B 162 -26.23 23.09 22.65
CA GLY B 162 -24.91 23.63 22.63
C GLY B 162 -23.76 22.66 22.53
N GLN B 163 -24.02 21.37 22.32
CA GLN B 163 -22.93 20.38 22.25
C GLN B 163 -22.98 19.77 20.86
N PRO B 164 -21.82 19.44 20.26
CA PRO B 164 -21.81 18.64 19.05
C PRO B 164 -22.34 17.24 19.28
N GLU B 165 -23.12 16.72 18.33
CA GLU B 165 -23.62 15.36 18.39
C GLU B 165 -22.67 14.72 17.43
N ASN B 166 -22.12 13.63 17.88
CA ASN B 166 -21.06 12.97 17.10
CA ASN B 166 -21.05 12.87 17.25
C ASN B 166 -21.51 11.64 16.43
N ASN B 167 -22.64 11.00 16.89
CA ASN B 167 -23.12 9.79 16.30
C ASN B 167 -23.94 9.97 14.98
N TYR B 168 -23.31 10.52 13.95
CA TYR B 168 -23.94 10.76 12.67
C TYR B 168 -22.98 10.35 11.57
N LYS B 169 -23.56 10.07 10.42
CA LYS B 169 -22.83 9.85 9.18
C LYS B 169 -23.52 10.59 8.05
N THR B 170 -22.72 11.05 7.12
CA THR B 170 -23.23 11.84 5.97
C THR B 170 -22.80 11.20 4.66
N THR B 171 -23.74 11.06 3.74
CA THR B 171 -23.44 10.56 2.42
C THR B 171 -22.45 11.47 1.67
N PRO B 172 -21.72 10.92 0.68
CA PRO B 172 -21.09 11.83 -0.25
C PRO B 172 -22.11 12.65 -1.03
N PRO B 173 -21.67 13.79 -1.57
CA PRO B 173 -22.54 14.45 -2.55
C PRO B 173 -22.87 13.58 -3.74
N VAL B 174 -24.09 13.63 -4.18
CA VAL B 174 -24.56 12.93 -5.38
C VAL B 174 -25.06 13.94 -6.42
N LEU B 175 -24.63 13.74 -7.66
CA LEU B 175 -25.05 14.59 -8.75
C LEU B 175 -26.51 14.32 -9.08
N ASP B 176 -27.32 15.37 -9.01
CA ASP B 176 -28.72 15.32 -9.22
C ASP B 176 -28.96 15.63 -10.71
N SER B 177 -30.18 15.43 -11.13
CA SER B 177 -30.46 15.44 -12.57
C SER B 177 -30.40 16.85 -13.16
N ASP B 178 -30.47 17.90 -12.36
CA ASP B 178 -30.27 19.26 -12.84
C ASP B 178 -28.83 19.79 -12.78
N GLY B 179 -27.83 18.92 -12.57
CA GLY B 179 -26.46 19.30 -12.40
C GLY B 179 -26.04 19.89 -11.07
N SER B 180 -26.98 20.05 -10.14
CA SER B 180 -26.62 20.39 -8.78
C SER B 180 -26.31 19.09 -7.98
N PHE B 181 -25.86 19.23 -6.74
CA PHE B 181 -25.61 18.13 -5.84
C PHE B 181 -26.64 18.06 -4.69
N PHE B 182 -26.83 16.87 -4.17
CA PHE B 182 -27.45 16.67 -2.87
C PHE B 182 -26.71 15.67 -2.00
N LEU B 183 -27.03 15.69 -0.73
CA LEU B 183 -26.57 14.65 0.16
C LEU B 183 -27.60 14.52 1.29
N TYR B 184 -27.46 13.46 2.05
CA TYR B 184 -28.23 13.29 3.29
C TYR B 184 -27.26 13.09 4.47
N SER B 185 -27.61 13.59 5.64
CA SER B 185 -26.87 13.28 6.86
C SER B 185 -27.80 12.61 7.80
N LYS B 186 -27.31 11.58 8.47
CA LYS B 186 -28.15 10.75 9.38
C LYS B 186 -27.55 10.82 10.77
N LEU B 187 -28.35 11.34 11.71
CA LEU B 187 -27.93 11.40 13.17
C LEU B 187 -28.71 10.37 13.85
N THR B 188 -28.01 9.49 14.56
CA THR B 188 -28.68 8.45 15.31
C THR B 188 -28.73 8.85 16.80
N VAL B 189 -29.88 8.74 17.39
CA VAL B 189 -30.04 9.08 18.80
C VAL B 189 -30.90 8.01 19.47
N ASP B 190 -30.70 7.89 20.77
CA ASP B 190 -31.59 7.05 21.57
C ASP B 190 -32.99 7.53 21.48
N LYS B 191 -33.92 6.59 21.32
CA LYS B 191 -35.28 6.99 21.12
C LYS B 191 -35.83 7.88 22.28
N SER B 192 -35.39 7.60 23.49
CA SER B 192 -35.89 8.35 24.65
C SER B 192 -35.50 9.83 24.51
N ARG B 193 -34.30 10.12 24.00
CA ARG B 193 -33.92 11.52 23.74
C ARG B 193 -34.81 12.25 22.76
N TRP B 194 -35.28 11.54 21.74
CA TRP B 194 -36.18 12.14 20.74
C TRP B 194 -37.52 12.39 21.41
N GLN B 195 -37.99 11.37 22.09
CA GLN B 195 -39.35 11.42 22.65
C GLN B 195 -39.49 12.43 23.79
N GLN B 196 -38.37 12.81 24.44
CA GLN B 196 -38.38 13.80 25.51
C GLN B 196 -38.37 15.21 25.01
N GLY B 197 -38.30 15.40 23.69
CA GLY B 197 -38.51 16.71 23.06
C GLY B 197 -37.20 17.47 22.90
N ASN B 198 -36.04 16.84 23.07
CA ASN B 198 -34.79 17.53 22.85
C ASN B 198 -34.69 18.05 21.42
N VAL B 199 -33.97 19.15 21.22
CA VAL B 199 -33.95 19.83 19.97
C VAL B 199 -32.57 19.51 19.39
N PHE B 200 -32.57 19.11 18.12
CA PHE B 200 -31.33 18.81 17.39
C PHE B 200 -31.20 19.78 16.24
N SER B 201 -29.97 20.07 15.79
CA SER B 201 -29.80 21.01 14.73
C SER B 201 -28.83 20.44 13.74
N CYS B 202 -29.15 20.61 12.49
CA CYS B 202 -28.28 20.24 11.37
C CYS B 202 -27.67 21.55 10.88
N SER B 203 -26.35 21.66 10.93
CA SER B 203 -25.61 22.84 10.57
CA SER B 203 -25.61 22.84 10.55
C SER B 203 -24.84 22.58 9.28
N VAL B 204 -25.05 23.44 8.30
CA VAL B 204 -24.53 23.24 6.98
C VAL B 204 -23.70 24.45 6.60
N MET B 205 -22.48 24.23 6.14
CA MET B 205 -21.61 25.26 5.55
C MET B 205 -21.40 25.04 4.07
N HIS B 206 -21.74 26.06 3.30
CA HIS B 206 -21.55 26.06 1.89
C HIS B 206 -21.28 27.48 1.38
N GLU B 207 -20.46 27.64 0.33
CA GLU B 207 -20.03 28.98 -0.03
C GLU B 207 -21.22 29.91 -0.36
N ALA B 208 -22.26 29.37 -0.99
CA ALA B 208 -23.29 30.19 -1.58
C ALA B 208 -24.33 30.63 -0.54
N LEU B 209 -24.29 30.09 0.67
CA LEU B 209 -25.18 30.54 1.71
C LEU B 209 -24.69 31.92 2.21
N HIS B 210 -25.63 32.69 2.72
CA HIS B 210 -25.28 33.98 3.40
C HIS B 210 -24.35 33.72 4.59
N ASN B 211 -23.16 34.31 4.55
CA ASN B 211 -22.12 34.07 5.56
C ASN B 211 -21.71 32.59 5.62
N HIS B 212 -22.05 31.89 4.54
CA HIS B 212 -21.61 30.52 4.27
C HIS B 212 -22.14 29.48 5.19
N TYR B 213 -23.26 29.76 5.85
CA TYR B 213 -23.84 28.76 6.77
C TYR B 213 -25.30 28.91 6.96
N THR B 214 -25.96 27.79 7.23
CA THR B 214 -27.32 27.84 7.83
C THR B 214 -27.47 26.73 8.87
N GLN B 215 -28.51 26.77 9.71
CA GLN B 215 -28.79 25.73 10.70
C GLN B 215 -30.27 25.51 10.68
N LYS B 216 -30.67 24.26 10.72
CA LYS B 216 -32.08 23.89 10.73
C LYS B 216 -32.34 23.00 11.92
N SER B 217 -33.40 23.32 12.65
CA SER B 217 -33.69 22.49 13.82
C SER B 217 -34.69 21.42 13.53
N LEU B 218 -34.79 20.48 14.45
CA LEU B 218 -35.63 19.29 14.35
C LEU B 218 -35.97 18.82 15.79
N SER B 219 -37.24 18.62 16.10
CA SER B 219 -37.63 18.13 17.44
C SER B 219 -39.01 17.57 17.30
N LEU B 220 -39.41 16.77 18.26
CA LEU B 220 -40.76 16.32 18.33
C LEU B 220 -41.68 17.51 18.71
N LYS C 6 39.27 -28.84 -1.93
CA LYS C 6 38.06 -28.90 -2.83
C LYS C 6 37.92 -27.65 -3.71
N ALA C 7 37.40 -27.89 -4.93
CA ALA C 7 37.14 -26.84 -5.93
C ALA C 7 36.16 -25.75 -5.44
N VAL C 8 35.95 -24.74 -6.29
CA VAL C 8 35.00 -23.64 -6.02
C VAL C 8 34.29 -23.24 -7.34
N ILE C 9 32.95 -23.15 -7.29
CA ILE C 9 32.17 -22.79 -8.50
C ILE C 9 32.08 -21.26 -8.50
N LYS C 10 32.36 -20.67 -9.66
CA LYS C 10 32.10 -19.26 -9.88
C LYS C 10 31.05 -19.10 -10.95
N LEU C 11 30.07 -18.22 -10.65
CA LEU C 11 29.04 -17.87 -11.62
C LEU C 11 29.39 -16.61 -12.38
N GLN C 12 29.11 -16.64 -13.68
CA GLN C 12 29.16 -15.43 -14.49
C GLN C 12 27.90 -15.35 -15.32
N PRO C 13 27.12 -14.24 -15.19
CA PRO C 13 27.07 -13.30 -14.08
C PRO C 13 26.93 -13.99 -12.72
N PRO C 14 27.19 -13.29 -11.59
CA PRO C 14 27.31 -13.99 -10.29
C PRO C 14 26.00 -14.27 -9.52
N TRP C 15 24.88 -14.10 -10.18
CA TRP C 15 23.62 -14.24 -9.52
C TRP C 15 23.18 -15.67 -9.45
N VAL C 16 22.74 -16.07 -8.26
CA VAL C 16 22.25 -17.41 -7.98
C VAL C 16 20.80 -17.60 -8.33
N SER C 17 20.12 -16.49 -8.67
CA SER C 17 18.71 -16.54 -9.08
CA SER C 17 18.70 -16.49 -9.03
C SER C 17 18.66 -15.85 -10.41
N VAL C 18 18.05 -16.50 -11.42
CA VAL C 18 18.05 -15.97 -12.79
C VAL C 18 16.67 -16.10 -13.42
N PHE C 19 16.34 -15.31 -14.43
CA PHE C 19 15.02 -15.45 -15.06
C PHE C 19 15.09 -16.56 -16.14
N GLN C 20 13.96 -17.17 -16.37
CA GLN C 20 13.73 -18.08 -17.54
C GLN C 20 14.34 -17.41 -18.75
N GLU C 21 15.17 -18.15 -19.47
CA GLU C 21 15.71 -17.80 -20.74
C GLU C 21 16.96 -17.01 -20.68
N GLU C 22 17.42 -16.65 -19.48
CA GLU C 22 18.67 -15.98 -19.36
C GLU C 22 19.80 -16.97 -19.42
N SER C 23 20.99 -16.45 -19.63
CA SER C 23 22.18 -17.30 -19.59
C SER C 23 23.10 -17.14 -18.38
N VAL C 24 23.74 -18.24 -17.99
CA VAL C 24 24.80 -18.12 -16.99
C VAL C 24 25.83 -19.22 -17.24
N THR C 25 27.04 -18.95 -16.82
CA THR C 25 28.15 -19.82 -17.14
C THR C 25 28.72 -20.17 -15.82
N LEU C 26 28.81 -21.47 -15.54
CA LEU C 26 29.41 -21.85 -14.30
C LEU C 26 30.87 -22.24 -14.57
N HIS C 27 31.77 -21.83 -13.67
CA HIS C 27 33.23 -22.01 -13.90
C HIS C 27 33.72 -22.86 -12.75
N CYS C 28 34.31 -24.03 -13.05
CA CYS C 28 34.91 -24.87 -11.98
C CYS C 28 36.39 -24.54 -11.72
N GLU C 29 36.69 -23.97 -10.54
CA GLU C 29 38.03 -23.41 -10.27
C GLU C 29 38.57 -23.94 -8.91
N VAL C 30 39.86 -23.73 -8.64
CA VAL C 30 40.69 -24.65 -7.81
C VAL C 30 40.93 -24.12 -6.38
N PRO C 34 45.82 -24.51 -11.72
CA PRO C 34 46.62 -25.48 -12.47
C PRO C 34 45.82 -26.69 -12.97
N GLY C 35 45.68 -26.81 -14.27
CA GLY C 35 45.62 -28.14 -14.91
C GLY C 35 44.23 -28.57 -15.38
N SER C 36 43.82 -29.77 -14.97
CA SER C 36 43.28 -30.78 -15.90
C SER C 36 41.93 -30.34 -16.46
N SER C 37 41.76 -30.44 -17.77
CA SER C 37 40.55 -29.95 -18.44
C SER C 37 39.36 -30.93 -18.34
N SER C 38 39.51 -32.02 -17.58
CA SER C 38 38.50 -33.05 -17.43
C SER C 38 37.69 -32.75 -16.19
N THR C 39 36.58 -32.03 -16.36
CA THR C 39 35.74 -31.63 -15.22
C THR C 39 34.53 -32.58 -15.11
N GLN C 40 34.25 -33.01 -13.90
CA GLN C 40 32.94 -33.59 -13.58
C GLN C 40 32.01 -32.57 -12.91
N TRP C 41 30.84 -32.41 -13.52
CA TRP C 41 29.75 -31.57 -13.00
C TRP C 41 28.72 -32.46 -12.34
N PHE C 42 28.28 -32.05 -11.15
CA PHE C 42 27.12 -32.64 -10.50
C PHE C 42 25.96 -31.64 -10.37
N LEU C 43 24.79 -32.04 -10.91
CA LEU C 43 23.48 -31.40 -10.67
C LEU C 43 22.59 -32.30 -9.83
N ASN C 44 22.35 -31.89 -8.59
CA ASN C 44 21.51 -32.61 -7.67
C ASN C 44 22.15 -33.96 -7.37
N GLY C 45 23.43 -33.93 -6.99
CA GLY C 45 24.17 -35.14 -6.60
C GLY C 45 24.42 -36.17 -7.70
N THR C 46 24.57 -35.71 -8.96
CA THR C 46 24.45 -36.56 -10.17
C THR C 46 25.14 -36.02 -11.44
N ALA C 47 25.93 -36.85 -12.11
CA ALA C 47 26.93 -36.39 -13.09
C ALA C 47 26.30 -36.01 -14.41
N ILE C 48 26.94 -35.10 -15.14
CA ILE C 48 26.36 -34.49 -16.33
C ILE C 48 27.24 -34.83 -17.55
N GLN C 49 26.62 -34.94 -18.73
CA GLN C 49 27.30 -35.50 -19.94
C GLN C 49 28.15 -34.48 -20.73
N THR C 50 28.70 -33.47 -20.05
CA THR C 50 29.73 -32.59 -20.61
C THR C 50 30.81 -32.35 -19.54
N SER C 51 32.01 -31.91 -19.96
CA SER C 51 33.21 -32.04 -19.11
C SER C 51 34.46 -31.15 -19.43
N THR C 52 34.33 -30.11 -20.28
CA THR C 52 34.97 -28.75 -20.10
C THR C 52 34.91 -28.21 -18.67
N PRO C 53 35.83 -27.27 -18.28
CA PRO C 53 35.73 -26.70 -16.89
C PRO C 53 34.69 -25.54 -16.74
N THR C 54 33.93 -25.34 -17.79
CA THR C 54 32.92 -24.32 -17.94
C THR C 54 31.64 -25.05 -18.32
N TYR C 55 30.55 -24.79 -17.59
CA TYR C 55 29.24 -25.30 -17.99
C TYR C 55 28.33 -24.11 -18.35
N HIS C 56 27.88 -24.05 -19.61
CA HIS C 56 27.10 -22.92 -20.11
C HIS C 56 25.63 -23.31 -20.11
N ILE C 57 24.81 -22.51 -19.45
CA ILE C 57 23.36 -22.58 -19.64
C ILE C 57 23.01 -21.43 -20.53
N THR C 58 22.45 -21.75 -21.68
CA THR C 58 22.32 -20.79 -22.75
C THR C 58 21.01 -20.05 -22.58
N SER C 59 19.99 -20.82 -22.21
CA SER C 59 18.65 -20.35 -22.05
C SER C 59 17.96 -21.04 -20.87
N ALA C 60 17.97 -20.39 -19.70
CA ALA C 60 17.66 -21.10 -18.47
C ALA C 60 16.23 -21.56 -18.46
N SER C 61 16.01 -22.73 -17.85
CA SER C 61 14.70 -23.28 -17.63
C SER C 61 14.61 -23.97 -16.29
N GLU C 62 13.41 -24.36 -15.92
CA GLU C 62 13.18 -25.14 -14.72
C GLU C 62 14.11 -26.36 -14.58
N ASP C 63 14.58 -26.96 -15.67
CA ASP C 63 15.57 -28.07 -15.64
C ASP C 63 16.99 -27.70 -15.23
N ASP C 64 17.29 -26.42 -15.21
CA ASP C 64 18.57 -25.96 -14.74
C ASP C 64 18.55 -25.61 -13.29
N SER C 65 17.39 -25.54 -12.64
CA SER C 65 17.37 -25.25 -11.22
C SER C 65 17.88 -26.41 -10.42
N GLY C 66 18.70 -26.13 -9.41
CA GLY C 66 19.19 -27.15 -8.47
C GLY C 66 20.55 -26.91 -7.88
N GLU C 67 21.13 -27.99 -7.35
CA GLU C 67 22.38 -27.93 -6.59
C GLU C 67 23.58 -28.29 -7.45
N TYR C 68 24.51 -27.38 -7.64
CA TYR C 68 25.62 -27.74 -8.53
C TYR C 68 26.89 -28.04 -7.72
N ARG C 69 27.61 -29.07 -8.12
CA ARG C 69 28.95 -29.29 -7.54
C ARG C 69 29.90 -29.64 -8.65
N CYS C 70 31.19 -29.39 -8.44
CA CYS C 70 32.14 -29.70 -9.51
C CYS C 70 33.39 -30.38 -8.97
N GLN C 71 33.91 -31.31 -9.79
CA GLN C 71 35.25 -31.88 -9.62
C GLN C 71 36.03 -31.78 -10.94
N ARG C 72 37.26 -31.26 -10.78
CA ARG C 72 38.20 -31.09 -11.87
C ARG C 72 39.42 -31.97 -11.57
N GLY C 73 39.97 -32.60 -12.62
CA GLY C 73 41.21 -33.35 -12.50
C GLY C 73 41.25 -34.23 -11.24
N LEU C 74 41.99 -33.78 -10.22
CA LEU C 74 42.26 -34.56 -8.99
C LEU C 74 41.76 -33.86 -7.72
N SER C 75 41.14 -32.69 -7.84
CA SER C 75 40.71 -32.01 -6.62
C SER C 75 39.42 -32.61 -6.09
N GLY C 76 39.14 -32.29 -4.83
CA GLY C 76 37.83 -32.51 -4.22
C GLY C 76 36.63 -31.90 -4.95
N ARG C 77 35.47 -32.04 -4.30
CA ARG C 77 34.18 -31.61 -4.82
C ARG C 77 33.89 -30.25 -4.19
N SER C 78 33.68 -29.25 -5.05
CA SER C 78 33.15 -27.95 -4.61
C SER C 78 32.10 -28.11 -3.54
N ASP C 79 32.09 -27.22 -2.56
CA ASP C 79 30.83 -26.83 -1.99
C ASP C 79 29.76 -26.47 -3.08
N PRO C 80 28.45 -26.63 -2.73
CA PRO C 80 27.39 -26.61 -3.72
C PRO C 80 26.86 -25.21 -3.87
N ILE C 81 26.48 -24.83 -5.08
CA ILE C 81 25.75 -23.61 -5.29
C ILE C 81 24.31 -23.96 -5.74
N GLN C 82 23.34 -23.27 -5.16
CA GLN C 82 21.97 -23.47 -5.53
C GLN C 82 21.56 -22.44 -6.58
N LEU C 83 21.36 -22.89 -7.81
CA LEU C 83 20.81 -22.01 -8.85
C LEU C 83 19.31 -22.17 -8.95
N GLU C 84 18.55 -21.07 -9.01
CA GLU C 84 17.10 -21.09 -9.11
C GLU C 84 16.74 -20.30 -10.33
N VAL C 85 15.75 -20.79 -11.07
CA VAL C 85 15.32 -20.13 -12.32
C VAL C 85 13.88 -19.69 -12.11
N HIS C 86 13.57 -18.41 -12.36
CA HIS C 86 12.25 -17.90 -11.99
C HIS C 86 11.54 -17.21 -13.17
N ARG C 87 10.25 -16.94 -12.97
CA ARG C 87 9.50 -16.04 -13.83
C ARG C 87 9.00 -14.92 -12.94
N GLY C 88 8.91 -13.72 -13.46
CA GLY C 88 8.35 -12.58 -12.71
C GLY C 88 8.79 -11.28 -13.33
N TRP C 89 8.31 -10.20 -12.73
CA TRP C 89 8.57 -8.86 -13.17
C TRP C 89 9.99 -8.41 -12.73
N LEU C 90 10.28 -8.68 -11.48
CA LEU C 90 11.53 -8.22 -10.80
C LEU C 90 12.04 -9.40 -10.00
N LEU C 91 13.34 -9.57 -10.01
CA LEU C 91 14.02 -10.63 -9.29
C LEU C 91 15.11 -9.97 -8.41
N LEU C 92 15.12 -10.29 -7.12
CA LEU C 92 16.18 -9.81 -6.20
C LEU C 92 17.29 -10.90 -6.32
N GLN C 93 18.31 -10.56 -7.09
CA GLN C 93 19.41 -11.45 -7.28
C GLN C 93 20.42 -11.21 -6.19
N VAL C 94 21.06 -12.28 -5.72
CA VAL C 94 22.14 -12.16 -4.77
C VAL C 94 23.30 -12.98 -5.25
N SER C 95 24.52 -12.58 -4.84
CA SER C 95 25.72 -13.32 -5.18
C SER C 95 25.87 -14.56 -4.32
N SER C 96 25.21 -14.67 -3.15
CA SER C 96 25.32 -15.89 -2.39
C SER C 96 24.17 -15.96 -1.47
N ARG C 97 23.70 -17.17 -1.17
CA ARG C 97 22.65 -17.38 -0.19
C ARG C 97 23.16 -17.63 1.24
N VAL C 98 24.41 -18.09 1.36
CA VAL C 98 24.94 -18.49 2.67
C VAL C 98 26.37 -17.99 2.67
N LEU C 99 26.72 -17.14 3.62
CA LEU C 99 28.06 -16.52 3.65
C LEU C 99 28.58 -16.62 5.07
N THR C 100 29.89 -16.46 5.20
CA THR C 100 30.51 -16.22 6.52
C THR C 100 30.79 -14.74 6.68
N GLU C 101 30.62 -14.25 7.89
CA GLU C 101 30.91 -12.86 8.19
C GLU C 101 32.30 -12.49 7.64
N GLY C 102 32.41 -11.30 7.12
CA GLY C 102 33.62 -10.86 6.44
C GLY C 102 33.55 -10.86 4.94
N GLU C 103 32.71 -11.73 4.39
CA GLU C 103 32.63 -11.89 2.93
C GLU C 103 31.66 -10.85 2.39
N PRO C 104 31.87 -10.43 1.12
CA PRO C 104 31.01 -9.46 0.50
C PRO C 104 29.73 -10.15 -0.04
N LEU C 105 28.68 -9.37 -0.13
CA LEU C 105 27.42 -9.81 -0.72
C LEU C 105 26.99 -8.73 -1.72
N ALA C 106 26.69 -9.13 -2.94
CA ALA C 106 26.07 -8.22 -3.88
C ALA C 106 24.57 -8.57 -4.06
N LEU C 107 23.76 -7.53 -4.15
CA LEU C 107 22.38 -7.61 -4.40
C LEU C 107 22.04 -6.77 -5.64
N ARG C 108 21.05 -7.23 -6.38
CA ARG C 108 20.63 -6.54 -7.59
C ARG C 108 19.11 -6.66 -7.73
N CYS C 109 18.44 -5.56 -8.08
CA CYS C 109 17.01 -5.55 -8.40
C CYS C 109 16.88 -5.65 -9.87
N HIS C 110 16.62 -6.87 -10.38
CA HIS C 110 16.79 -7.13 -11.77
C HIS C 110 15.40 -7.18 -12.47
N ALA C 111 15.24 -6.39 -13.51
CA ALA C 111 13.97 -6.38 -14.26
C ALA C 111 14.00 -7.35 -15.40
N TRP C 112 12.87 -7.96 -15.59
CA TRP C 112 12.64 -8.92 -16.63
C TRP C 112 12.94 -8.27 -18.00
N LYS C 113 13.70 -8.98 -18.82
CA LYS C 113 14.10 -8.51 -20.18
C LYS C 113 14.96 -7.28 -20.12
N ASP C 114 15.63 -7.05 -19.00
CA ASP C 114 16.45 -5.86 -18.82
C ASP C 114 15.74 -4.57 -19.06
N LYS C 115 14.44 -4.54 -18.74
CA LYS C 115 13.63 -3.32 -18.88
C LYS C 115 13.99 -2.34 -17.73
N LEU C 116 13.56 -1.10 -17.85
CA LEU C 116 13.95 -0.04 -16.95
C LEU C 116 12.94 0.06 -15.81
N VAL C 117 13.47 0.20 -14.58
CA VAL C 117 12.65 0.57 -13.45
C VAL C 117 13.47 1.68 -12.77
N TYR C 118 12.80 2.55 -12.05
CA TYR C 118 13.40 3.67 -11.35
C TYR C 118 12.77 3.79 -9.98
N ASN C 119 13.32 4.68 -9.15
CA ASN C 119 12.88 4.78 -7.74
C ASN C 119 12.77 3.46 -7.02
N VAL C 120 13.89 2.76 -7.04
CA VAL C 120 13.98 1.38 -6.60
C VAL C 120 14.16 1.34 -5.06
N LEU C 121 13.48 0.44 -4.43
CA LEU C 121 13.61 0.16 -2.99
C LEU C 121 14.14 -1.25 -2.76
N TYR C 122 15.09 -1.34 -1.83
CA TYR C 122 15.56 -2.62 -1.26
C TYR C 122 15.08 -2.81 0.15
N TYR C 123 14.57 -4.01 0.40
CA TYR C 123 13.96 -4.40 1.66
C TYR C 123 14.72 -5.54 2.30
N ARG C 124 14.69 -5.56 3.64
CA ARG C 124 15.16 -6.70 4.42
C ARG C 124 14.09 -6.98 5.50
N ASN C 125 13.62 -8.21 5.58
CA ASN C 125 12.56 -8.63 6.48
C ASN C 125 11.39 -7.70 6.43
N GLY C 126 11.01 -7.22 5.24
CA GLY C 126 9.79 -6.49 5.11
C GLY C 126 10.00 -4.96 5.35
N LYS C 127 11.21 -4.52 5.67
CA LYS C 127 11.46 -3.11 5.98
C LYS C 127 12.43 -2.55 4.95
N ALA C 128 12.00 -1.53 4.20
CA ALA C 128 12.87 -0.89 3.22
C ALA C 128 14.05 -0.20 3.87
N PHE C 129 15.25 -0.39 3.34
CA PHE C 129 16.42 0.17 3.94
C PHE C 129 17.25 0.96 2.98
N LYS C 130 16.97 0.96 1.67
CA LYS C 130 17.75 1.77 0.74
C LYS C 130 16.91 2.10 -0.50
N PHE C 131 16.98 3.35 -0.92
CA PHE C 131 16.16 3.95 -2.02
C PHE C 131 17.12 4.54 -3.03
N PHE C 132 16.91 4.29 -4.30
CA PHE C 132 17.76 4.84 -5.38
C PHE C 132 16.80 5.42 -6.44
N HIS C 133 17.07 6.61 -6.92
CA HIS C 133 16.28 7.13 -8.03
C HIS C 133 16.55 6.32 -9.27
N TRP C 134 17.80 5.92 -9.50
CA TRP C 134 18.16 5.11 -10.66
C TRP C 134 18.51 3.74 -10.13
N ASN C 135 18.11 2.73 -10.87
CA ASN C 135 18.25 1.34 -10.46
C ASN C 135 19.75 1.10 -10.31
N SER C 136 20.14 0.79 -9.11
CA SER C 136 21.52 0.55 -8.85
C SER C 136 21.59 -0.77 -8.10
N ASN C 137 22.70 -1.50 -8.22
CA ASN C 137 22.89 -2.58 -7.25
C ASN C 137 23.38 -2.12 -5.87
N LEU C 138 23.41 -3.06 -4.95
CA LEU C 138 23.87 -2.84 -3.58
C LEU C 138 25.02 -3.81 -3.33
N THR C 139 26.13 -3.32 -2.77
CA THR C 139 27.14 -4.24 -2.29
C THR C 139 27.42 -3.96 -0.82
N ILE C 140 27.39 -5.02 -0.04
CA ILE C 140 27.83 -5.02 1.34
C ILE C 140 29.20 -5.66 1.35
N LEU C 141 30.23 -4.86 1.55
CA LEU C 141 31.59 -5.34 1.30
C LEU C 141 32.01 -6.33 2.41
N LYS C 142 31.52 -6.10 3.60
CA LYS C 142 31.93 -6.88 4.74
C LYS C 142 30.69 -7.27 5.51
N THR C 143 30.08 -8.42 5.19
CA THR C 143 28.83 -8.77 5.91
C THR C 143 29.06 -9.19 7.39
N ASN C 144 28.03 -9.13 8.17
CA ASN C 144 27.93 -9.83 9.42
C ASN C 144 26.58 -10.38 9.66
N MET C 145 26.40 -11.05 10.78
CA MET C 145 25.18 -11.82 11.03
C MET C 145 23.90 -11.04 10.88
N SER C 146 23.97 -9.76 11.18
CA SER C 146 22.81 -8.88 11.16
C SER C 146 22.28 -8.58 9.72
N HIS C 147 23.10 -8.82 8.72
CA HIS C 147 22.68 -8.80 7.31
C HIS C 147 21.91 -10.04 6.86
N SER C 148 21.81 -11.04 7.72
CA SER C 148 20.92 -12.19 7.50
C SER C 148 19.50 -11.67 7.32
N GLY C 149 18.77 -12.25 6.39
CA GLY C 149 17.35 -11.98 6.34
C GLY C 149 16.77 -12.35 4.98
N THR C 150 15.52 -11.95 4.81
CA THR C 150 14.76 -12.10 3.58
C THR C 150 14.72 -10.75 2.91
N TYR C 151 15.40 -10.70 1.78
CA TYR C 151 15.48 -9.56 0.93
C TYR C 151 14.51 -9.57 -0.28
N HIS C 152 14.00 -8.38 -0.60
CA HIS C 152 13.26 -8.19 -1.85
C HIS C 152 13.45 -6.78 -2.29
N CYS C 153 12.88 -6.42 -3.44
CA CYS C 153 12.95 -5.10 -3.93
C CYS C 153 11.64 -4.73 -4.62
N SER C 154 11.49 -3.45 -4.88
CA SER C 154 10.42 -2.94 -5.70
C SER C 154 10.98 -1.81 -6.57
N GLY C 155 10.37 -1.57 -7.72
CA GLY C 155 10.74 -0.44 -8.56
C GLY C 155 9.59 0.01 -9.42
N MET C 156 9.70 1.23 -9.93
CA MET C 156 8.67 1.78 -10.81
CA MET C 156 8.68 1.79 -10.82
C MET C 156 9.03 1.60 -12.27
N GLY C 157 8.20 0.86 -12.99
CA GLY C 157 8.29 0.99 -14.47
C GLY C 157 7.05 1.74 -14.94
N LYS C 158 6.22 1.05 -15.76
CA LYS C 158 4.89 1.53 -16.12
C LYS C 158 3.97 1.48 -14.88
N HIS C 159 4.23 0.56 -13.99
CA HIS C 159 3.60 0.50 -12.68
C HIS C 159 4.65 0.18 -11.63
N ARG C 160 4.26 0.16 -10.38
CA ARG C 160 5.21 -0.32 -9.34
C ARG C 160 5.17 -1.84 -9.21
N TYR C 161 6.31 -2.49 -9.42
CA TYR C 161 6.39 -3.93 -9.34
C TYR C 161 7.28 -4.33 -8.19
N THR C 162 7.01 -5.50 -7.61
CA THR C 162 7.69 -6.03 -6.40
C THR C 162 8.24 -7.43 -6.63
N SER C 163 9.50 -7.70 -6.28
CA SER C 163 10.05 -8.99 -6.38
C SER C 163 9.58 -9.89 -5.24
N ALA C 164 9.73 -11.18 -5.45
CA ALA C 164 9.59 -12.16 -4.36
C ALA C 164 10.82 -12.08 -3.42
N GLY C 165 10.70 -12.65 -2.22
CA GLY C 165 11.75 -12.62 -1.24
C GLY C 165 12.77 -13.73 -1.45
N ILE C 166 13.99 -13.47 -1.00
CA ILE C 166 15.06 -14.48 -1.10
C ILE C 166 15.81 -14.42 0.21
N SER C 167 16.12 -15.57 0.74
CA SER C 167 16.71 -15.66 2.10
C SER C 167 18.26 -15.67 1.98
N VAL C 168 18.92 -14.85 2.78
CA VAL C 168 20.41 -14.80 2.82
C VAL C 168 20.75 -15.06 4.33
N THR C 169 21.72 -15.94 4.55
CA THR C 169 22.27 -16.24 5.86
C THR C 169 23.73 -15.89 5.91
N VAL C 170 24.09 -15.11 6.92
CA VAL C 170 25.49 -14.78 7.19
C VAL C 170 25.82 -15.35 8.58
N LYS C 171 26.86 -16.17 8.66
CA LYS C 171 27.13 -16.95 9.83
C LYS C 171 28.27 -16.21 10.56
N GLU C 172 28.14 -16.09 11.86
CA GLU C 172 29.23 -15.57 12.72
C GLU C 172 30.34 -16.63 12.84
N LEU C 173 31.57 -16.19 12.70
CA LEU C 173 32.72 -17.04 12.74
C LEU C 173 33.23 -17.16 14.21
N PHE C 174 33.27 -16.04 14.95
CA PHE C 174 33.70 -16.01 16.39
C PHE C 174 33.16 -14.74 16.99
N PRO C 175 32.68 -14.79 18.23
CA PRO C 175 32.20 -13.64 18.89
C PRO C 175 33.39 -12.72 19.21
N ALA C 176 33.09 -11.45 19.42
CA ALA C 176 34.08 -10.48 19.84
C ALA C 176 34.76 -11.04 21.11
N PRO C 177 36.07 -10.85 21.24
CA PRO C 177 36.74 -11.42 22.42
C PRO C 177 36.51 -10.66 23.67
N VAL C 178 36.80 -11.35 24.78
CA VAL C 178 36.83 -10.79 26.10
C VAL C 178 38.24 -10.96 26.61
N LEU C 179 38.80 -9.88 27.13
CA LEU C 179 40.12 -9.89 27.71
C LEU C 179 39.91 -10.28 29.19
N THR C 180 40.63 -11.31 29.67
CA THR C 180 40.52 -11.67 31.10
C THR C 180 41.89 -11.64 31.67
N ALA C 181 41.99 -11.52 32.99
CA ALA C 181 43.25 -11.60 33.69
C ALA C 181 43.17 -12.74 34.73
N SER C 182 44.31 -13.37 34.97
CA SER C 182 44.41 -14.52 35.89
C SER C 182 44.29 -14.16 37.38
N VAL C 183 44.32 -12.87 37.73
CA VAL C 183 44.13 -12.42 39.09
C VAL C 183 43.15 -11.26 39.08
N THR C 184 42.33 -11.18 40.11
CA THR C 184 41.43 -10.05 40.40
C THR C 184 42.19 -8.77 40.76
N SER C 185 41.74 -7.66 40.22
CA SER C 185 42.33 -6.37 40.55
C SER C 185 41.72 -5.85 41.83
N PRO C 186 42.51 -5.17 42.70
CA PRO C 186 43.91 -4.79 42.52
C PRO C 186 44.81 -5.93 42.92
N LEU C 187 46.00 -6.01 42.35
CA LEU C 187 46.91 -7.06 42.69
C LEU C 187 48.17 -6.44 43.23
N LEU C 188 48.96 -7.19 43.96
CA LEU C 188 50.23 -6.67 44.52
C LEU C 188 51.40 -6.61 43.52
N GLU C 189 52.23 -5.60 43.65
CA GLU C 189 53.47 -5.54 42.89
C GLU C 189 54.28 -6.82 43.07
N GLY C 190 54.99 -7.23 42.03
CA GLY C 190 55.59 -8.58 41.98
C GLY C 190 54.76 -9.77 41.52
N THR C 191 53.44 -9.71 41.59
CA THR C 191 52.54 -10.83 41.25
C THR C 191 52.67 -11.08 39.75
N PRO C 192 52.77 -12.32 39.31
CA PRO C 192 52.62 -12.62 37.88
C PRO C 192 51.19 -12.53 37.44
N VAL C 193 50.93 -12.05 36.21
CA VAL C 193 49.53 -12.09 35.74
C VAL C 193 49.48 -12.51 34.31
N THR C 194 48.55 -13.37 33.94
CA THR C 194 48.40 -13.79 32.55
C THR C 194 47.11 -13.13 32.06
N LEU C 195 47.22 -12.45 30.91
CA LEU C 195 46.04 -11.94 30.22
C LEU C 195 45.66 -12.90 29.12
N SER C 196 44.37 -13.10 28.90
CA SER C 196 43.87 -14.04 27.91
C SER C 196 42.84 -13.33 27.04
N CYS C 197 42.99 -13.53 25.74
CA CYS C 197 42.06 -13.00 24.72
C CYS C 197 41.10 -14.14 24.39
N GLU C 198 39.89 -14.14 24.98
CA GLU C 198 39.00 -15.28 24.97
C GLU C 198 37.95 -15.15 23.90
N THR C 199 37.98 -16.06 22.96
CA THR C 199 36.83 -16.27 22.08
C THR C 199 36.86 -17.74 21.60
N LYS C 200 35.99 -18.12 20.68
CA LYS C 200 35.98 -19.51 20.17
C LYS C 200 35.32 -19.52 18.81
N LEU C 201 35.82 -20.36 17.94
CA LEU C 201 35.21 -20.56 16.67
C LEU C 201 33.83 -21.16 16.81
N LEU C 202 32.91 -20.62 16.03
CA LEU C 202 31.53 -21.08 16.02
C LEU C 202 31.24 -22.06 14.86
N LEU C 203 32.19 -22.20 13.94
CA LEU C 203 32.08 -23.00 12.73
C LEU C 203 33.31 -23.91 12.61
N GLN C 204 33.16 -25.09 11.97
CA GLN C 204 34.32 -26.01 11.74
C GLN C 204 35.12 -25.56 10.53
N ARG C 205 36.36 -25.17 10.76
CA ARG C 205 37.16 -24.57 9.70
C ARG C 205 38.57 -25.16 9.73
N PRO C 206 38.78 -26.30 9.05
CA PRO C 206 39.69 -27.31 9.62
C PRO C 206 41.08 -26.78 9.96
N GLY C 207 41.76 -26.19 8.99
CA GLY C 207 43.11 -25.61 9.19
C GLY C 207 43.19 -24.20 9.79
N LEU C 208 42.10 -23.68 10.37
CA LEU C 208 41.94 -22.23 10.65
C LEU C 208 42.53 -21.90 12.04
N GLN C 209 43.49 -21.00 12.09
CA GLN C 209 43.87 -20.40 13.39
C GLN C 209 43.55 -18.89 13.44
N LEU C 210 43.12 -18.42 14.60
CA LEU C 210 43.03 -16.98 14.89
C LEU C 210 44.34 -16.45 15.42
N TYR C 211 44.49 -15.14 15.24
CA TYR C 211 45.70 -14.41 15.58
C TYR C 211 45.26 -13.28 16.55
N PHE C 212 46.05 -13.05 17.59
CA PHE C 212 45.71 -12.19 18.68
C PHE C 212 46.80 -11.13 18.89
N SER C 213 46.33 -9.98 19.34
CA SER C 213 47.21 -8.90 19.72
C SER C 213 46.65 -8.22 20.98
N PHE C 214 47.54 -7.65 21.77
CA PHE C 214 47.23 -7.13 23.09
C PHE C 214 47.67 -5.68 23.23
N TYR C 215 46.85 -4.88 23.91
CA TYR C 215 47.02 -3.43 24.03
C TYR C 215 46.86 -3.00 25.51
N MET C 216 47.59 -1.97 25.87
CA MET C 216 47.39 -1.24 27.12
CA MET C 216 47.42 -1.25 27.12
C MET C 216 47.14 0.20 26.77
N GLY C 217 45.95 0.69 27.06
CA GLY C 217 45.55 1.99 26.59
C GLY C 217 45.56 1.94 25.06
N SER C 218 46.22 2.89 24.38
CA SER C 218 46.28 2.82 22.90
C SER C 218 47.53 2.13 22.45
N LYS C 219 48.36 1.75 23.40
CA LYS C 219 49.64 1.18 23.16
C LYS C 219 49.68 -0.30 22.85
N THR C 220 50.38 -0.65 21.77
CA THR C 220 50.61 -2.10 21.47
C THR C 220 51.53 -2.81 22.42
N LEU C 221 51.02 -3.86 23.09
CA LEU C 221 51.81 -4.68 23.97
C LEU C 221 52.42 -5.82 23.27
N ARG C 222 51.68 -6.46 22.38
CA ARG C 222 52.21 -7.59 21.62
C ARG C 222 51.35 -7.69 20.33
N GLY C 223 52.05 -7.75 19.22
CA GLY C 223 51.42 -7.81 17.94
C GLY C 223 50.95 -9.18 17.59
N ARG C 224 50.40 -9.25 16.39
CA ARG C 224 49.66 -10.38 15.95
C ARG C 224 50.47 -11.66 16.14
N ASP C 225 49.90 -12.67 16.79
CA ASP C 225 50.61 -13.90 17.08
C ASP C 225 49.53 -14.93 17.29
N THR C 226 49.79 -16.24 17.10
CA THR C 226 48.79 -17.30 17.40
C THR C 226 48.50 -17.54 18.89
N SER C 227 49.33 -17.01 19.76
CA SER C 227 49.02 -17.15 21.17
C SER C 227 47.90 -16.20 21.62
N SER C 228 46.92 -16.76 22.33
CA SER C 228 45.86 -15.97 22.92
C SER C 228 46.15 -15.58 24.35
N GLU C 229 47.42 -15.71 24.78
CA GLU C 229 47.87 -15.27 26.12
C GLU C 229 49.03 -14.34 26.08
N TYR C 230 49.08 -13.47 27.10
CA TYR C 230 50.11 -12.48 27.30
C TYR C 230 50.49 -12.47 28.77
N GLN C 231 51.75 -12.74 29.00
CA GLN C 231 52.28 -12.85 30.36
C GLN C 231 52.93 -11.56 30.91
N ILE C 232 52.45 -11.11 32.06
CA ILE C 232 53.21 -10.07 32.78
C ILE C 232 53.92 -10.84 33.90
N LEU C 233 55.24 -10.89 33.80
CA LEU C 233 56.01 -11.80 34.64
C LEU C 233 56.01 -11.35 36.10
N THR C 234 56.14 -10.07 36.31
CA THR C 234 56.22 -9.52 37.65
C THR C 234 55.55 -8.14 37.53
N ALA C 235 54.31 -8.05 38.02
CA ALA C 235 53.53 -6.81 37.86
C ALA C 235 54.22 -5.65 38.58
N ARG C 236 54.22 -4.47 37.98
CA ARG C 236 54.64 -3.23 38.66
CA ARG C 236 54.63 -3.23 38.65
C ARG C 236 53.50 -2.20 38.63
N ARG C 237 53.63 -1.15 39.45
CA ARG C 237 52.62 -0.10 39.59
C ARG C 237 52.28 0.48 38.25
N GLU C 238 53.33 0.67 37.46
CA GLU C 238 53.20 1.28 36.13
C GLU C 238 52.42 0.42 35.13
N ASP C 239 52.15 -0.82 35.49
CA ASP C 239 51.27 -1.68 34.67
C ASP C 239 49.79 -1.39 34.91
N SER C 240 49.47 -0.52 35.87
CA SER C 240 48.07 -0.18 36.16
C SER C 240 47.50 0.52 34.93
N GLY C 241 46.33 0.12 34.47
CA GLY C 241 45.84 0.72 33.18
C GLY C 241 44.71 -0.10 32.62
N LEU C 242 44.32 0.26 31.42
CA LEU C 242 43.28 -0.42 30.71
C LEU C 242 43.82 -1.32 29.67
N TYR C 243 43.37 -2.55 29.66
CA TYR C 243 43.87 -3.55 28.79
C TYR C 243 42.80 -4.09 27.84
N TRP C 244 43.20 -4.38 26.62
CA TRP C 244 42.26 -4.98 25.62
C TRP C 244 42.99 -5.83 24.62
N CYS C 245 42.26 -6.48 23.71
CA CYS C 245 42.87 -7.32 22.72
C CYS C 245 42.02 -7.32 21.42
N GLU C 246 42.68 -7.81 20.38
CA GLU C 246 42.05 -8.10 19.12
C GLU C 246 42.26 -9.53 18.73
N ALA C 247 41.24 -10.11 18.10
CA ALA C 247 41.29 -11.47 17.56
C ALA C 247 40.93 -11.34 16.08
N ALA C 248 41.71 -11.94 15.23
CA ALA C 248 41.52 -11.86 13.77
C ALA C 248 41.74 -13.19 13.07
N THR C 249 41.08 -13.37 11.90
CA THR C 249 41.53 -14.36 10.95
C THR C 249 42.93 -14.04 10.42
N GLU C 250 43.59 -15.08 9.93
CA GLU C 250 44.90 -15.02 9.35
C GLU C 250 45.00 -13.88 8.35
N ASP C 251 43.98 -13.70 7.52
CA ASP C 251 44.01 -12.69 6.49
C ASP C 251 43.36 -11.38 6.89
N GLY C 252 42.86 -11.27 8.14
CA GLY C 252 42.25 -10.02 8.66
C GLY C 252 40.87 -9.66 8.19
N ASN C 253 40.23 -10.56 7.46
CA ASN C 253 38.85 -10.32 7.04
C ASN C 253 37.81 -10.22 8.10
N VAL C 254 38.03 -10.93 9.18
CA VAL C 254 37.21 -10.70 10.35
C VAL C 254 38.23 -10.33 11.44
N LEU C 255 37.97 -9.21 12.07
CA LEU C 255 38.91 -8.65 13.10
C LEU C 255 38.05 -8.01 14.13
N LYS C 256 38.06 -8.50 15.38
CA LYS C 256 37.23 -7.98 16.39
C LYS C 256 38.00 -7.63 17.71
N ARG C 257 37.52 -6.63 18.42
CA ARG C 257 38.28 -6.20 19.61
C ARG C 257 37.47 -6.50 20.82
N SER C 258 38.17 -6.60 21.98
CA SER C 258 37.49 -6.68 23.26
C SER C 258 37.17 -5.30 23.90
N PRO C 259 36.22 -5.24 24.85
CA PRO C 259 36.17 -4.12 25.75
C PRO C 259 37.48 -4.04 26.58
N GLU C 260 37.69 -2.89 27.19
CA GLU C 260 38.85 -2.65 28.01
C GLU C 260 38.56 -3.14 29.43
N LEU C 261 39.56 -3.74 30.05
CA LEU C 261 39.57 -4.20 31.45
C LEU C 261 40.51 -3.30 32.28
N GLU C 262 40.06 -2.89 33.42
CA GLU C 262 40.82 -2.01 34.35
C GLU C 262 41.65 -2.93 35.18
N LEU C 263 42.96 -2.83 35.10
CA LEU C 263 43.88 -3.63 35.98
C LEU C 263 44.73 -2.70 36.83
N GLN C 264 44.66 -2.88 38.13
CA GLN C 264 45.45 -2.05 39.04
C GLN C 264 46.44 -2.92 39.78
N VAL C 265 47.63 -2.38 39.90
CA VAL C 265 48.76 -2.99 40.62
C VAL C 265 49.15 -2.00 41.73
N LEU C 266 49.15 -2.47 42.98
CA LEU C 266 49.49 -1.63 44.12
C LEU C 266 50.97 -1.72 44.44
N GLY C 267 51.55 -0.65 44.99
CA GLY C 267 52.95 -0.69 45.44
C GLY C 267 53.09 -1.20 46.85
#